data_1UPX
#
_entry.id   1UPX
#
_cell.length_a   57.300
_cell.length_b   61.200
_cell.length_c   72.000
_cell.angle_alpha   82.80
_cell.angle_beta   73.70
_cell.angle_gamma   87.30
#
_symmetry.space_group_name_H-M   'P 1'
#
loop_
_entity.id
_entity.type
_entity.pdbx_description
1 polymer 'HYDROXYLAMINE REDUCTASE'
2 non-polymer 'IRON/SULFUR CLUSTER'
3 non-polymer 'FE4-S3 CLUSTER'
4 non-polymer 'IRON/SULFUR/OXYGEN HYBRID CLUSTER'
5 non-polymer '2-(N-MORPHOLINO)-ETHANESULFONIC ACID'
6 water water
#
_entity_poly.entity_id   1
_entity_poly.type   'polypeptide(L)'
_entity_poly.pdbx_seq_one_letter_code
;SNAMFCYQCQETVGNKGCTQVGVCGKKPETAALQDALIYVTKGLGQIATRLRAEGKAVDHRIDRLVTGNLFATITNANFD
DDILAERVRMTCAAKKELAASLTDKSGLSDAALWEASEKSAMLAKAGTVGVMATTDDDVRSLRWLITFGLKGMAAYAKHA
DVLGKHENSLDAFMQEALAKTLDDSLSVADLVALTLETGKFGVSAMALLDAANTGTYGHPEITKVNIGVGSNPGILISGH
DLRDLEMLLKQTEGTGVDVYTHSEMLPAHYYPAFKKYAHFKGNYGNAWWKQKEEFESFNGPVLLTTNCLVPPKDSYKDRV
YTTGIVGFTGCKHIPGEIGEHKDFSAIIAHAKTCPAPTEIESGEIIGGFAHNQVLALADKVIDAVKSGAIKKFVVMAGCD
GRAKSRSYYTDFAEGLPKDTVILTAGCAKYRYNKLNLGDIGGIPRVLDAGQCNDSYSLAVIALKLKEVFGLEDVNDLPIV
YNIAWYEQKAVIVLLALLSLGVKNIHLGPTLPAFLSPNVAKVLVEQFNIGGITSPQDDLKAFFG
;
_entity_poly.pdbx_strand_id   A,B
#
loop_
_chem_comp.id
_chem_comp.type
_chem_comp.name
_chem_comp.formula
FSO non-polymer 'IRON/SULFUR/OXYGEN HYBRID CLUSTER' 'Fe4 O3 S3'
MES non-polymer '2-(N-MORPHOLINO)-ETHANESULFONIC ACID' 'C6 H13 N O4 S'
SF3 non-polymer 'FE4-S3 CLUSTER' 'Fe4 S3'
SF4 non-polymer 'IRON/SULFUR CLUSTER' 'Fe4 S4'
#
# COMPACT_ATOMS: atom_id res chain seq x y z
N SER A 1 -11.03 15.87 -29.35
CA SER A 1 -10.27 15.29 -28.21
C SER A 1 -9.37 14.16 -28.67
N ASN A 2 -8.08 14.26 -28.34
CA ASN A 2 -7.10 13.26 -28.76
C ASN A 2 -7.05 12.08 -27.78
N ALA A 3 -6.98 10.86 -28.32
CA ALA A 3 -6.80 9.67 -27.50
C ALA A 3 -5.40 9.58 -26.90
N MET A 4 -4.44 10.20 -27.58
CA MET A 4 -3.06 10.25 -27.12
C MET A 4 -2.38 11.47 -27.71
N PHE A 5 -1.19 11.75 -27.21
CA PHE A 5 -0.32 12.69 -27.87
C PHE A 5 1.12 12.27 -27.63
N CYS A 6 1.83 11.98 -28.69
CA CYS A 6 3.24 11.66 -28.61
C CYS A 6 3.92 12.23 -29.84
N TYR A 7 5.03 12.91 -29.65
CA TYR A 7 5.78 13.49 -30.77
C TYR A 7 7.29 13.33 -30.61
N GLN A 8 7.70 12.28 -29.91
CA GLN A 8 9.09 12.14 -29.50
C GLN A 8 10.03 11.58 -30.57
N CYS A 9 9.52 10.99 -31.65
CA CYS A 9 10.40 10.44 -32.69
C CYS A 9 10.18 11.13 -34.03
N GLN A 10 11.10 10.86 -34.96
CA GLN A 10 11.14 11.55 -36.23
C GLN A 10 9.90 11.26 -37.09
N GLU A 11 9.28 10.10 -36.89
CA GLU A 11 8.17 9.66 -37.72
C GLU A 11 6.80 10.09 -37.23
N THR A 12 6.75 10.97 -36.25
CA THR A 12 5.47 11.40 -35.69
C THR A 12 4.53 11.95 -36.78
N VAL A 13 3.24 11.67 -36.66
CA VAL A 13 2.29 11.98 -37.71
C VAL A 13 2.36 13.45 -38.08
N GLY A 14 2.51 13.72 -39.36
CA GLY A 14 2.51 15.06 -39.91
C GLY A 14 3.66 15.93 -39.46
N ASN A 15 4.67 15.32 -38.84
CA ASN A 15 5.67 16.05 -38.07
C ASN A 15 5.03 17.02 -37.07
N LYS A 16 3.95 16.57 -36.45
CA LYS A 16 3.19 17.36 -35.49
C LYS A 16 2.90 16.56 -34.22
N GLY A 17 2.44 15.33 -34.38
CA GLY A 17 2.13 14.50 -33.24
C GLY A 17 1.21 13.36 -33.58
N CYS A 18 1.45 12.21 -32.96
CA CYS A 18 0.58 11.04 -33.06
C CYS A 18 -0.54 11.21 -32.05
N THR A 19 -1.78 11.27 -32.53
CA THR A 19 -2.95 11.56 -31.68
C THR A 19 -3.98 10.45 -31.58
N GLN A 20 -3.87 9.42 -32.40
CA GLN A 20 -4.83 8.31 -32.40
C GLN A 20 -4.09 7.02 -32.09
N VAL A 21 -3.13 6.67 -32.93
CA VAL A 21 -2.21 5.54 -32.73
C VAL A 21 -0.84 5.98 -33.24
N GLY A 22 0.22 5.50 -32.60
CA GLY A 22 1.55 5.82 -33.04
C GLY A 22 1.85 5.21 -34.38
N VAL A 23 2.60 5.93 -35.21
CA VAL A 23 3.16 5.37 -36.43
C VAL A 23 4.01 4.12 -36.10
N CYS A 24 4.62 4.12 -34.92
CA CYS A 24 5.42 2.99 -34.45
C CYS A 24 4.59 1.79 -34.02
N GLY A 25 3.28 2.00 -33.87
CA GLY A 25 2.38 0.98 -33.39
C GLY A 25 1.90 1.17 -31.97
N LYS A 26 2.43 2.17 -31.27
CA LYS A 26 2.06 2.40 -29.88
C LYS A 26 0.60 2.80 -29.76
N LYS A 27 -0.16 2.01 -29.00
CA LYS A 27 -1.59 2.23 -28.83
C LYS A 27 -1.83 3.30 -27.76
N PRO A 28 -2.97 3.97 -27.80
CA PRO A 28 -3.20 5.08 -26.86
C PRO A 28 -3.09 4.74 -25.39
N GLU A 29 -3.53 3.58 -24.96
CA GLU A 29 -3.39 3.24 -23.55
C GLU A 29 -1.94 2.99 -23.19
N THR A 30 -1.17 2.43 -24.11
CA THR A 30 0.27 2.27 -23.91
C THR A 30 0.93 3.63 -23.77
N ALA A 31 0.57 4.53 -24.67
CA ALA A 31 1.08 5.89 -24.62
C ALA A 31 0.72 6.58 -23.29
N ALA A 32 -0.48 6.33 -22.81
CA ALA A 32 -0.94 6.92 -21.56
C ALA A 32 -0.12 6.38 -20.40
N LEU A 33 0.11 5.08 -20.35
CA LEU A 33 0.90 4.49 -19.27
C LEU A 33 2.33 5.02 -19.30
N GLN A 34 2.89 5.22 -20.47
CA GLN A 34 4.22 5.79 -20.57
C GLN A 34 4.20 7.23 -20.06
N ASP A 35 3.15 7.98 -20.36
CA ASP A 35 3.02 9.36 -19.86
C ASP A 35 2.94 9.38 -18.34
N ALA A 36 2.15 8.47 -17.76
CA ALA A 36 2.03 8.35 -16.33
C ALA A 36 3.37 7.96 -15.70
N LEU A 37 4.08 7.05 -16.35
CA LEU A 37 5.37 6.58 -15.85
C LEU A 37 6.38 7.72 -15.84
N ILE A 38 6.43 8.52 -16.89
CA ILE A 38 7.35 9.65 -16.93
C ILE A 38 7.00 10.63 -15.83
N TYR A 39 5.71 10.88 -15.63
CA TYR A 39 5.26 11.82 -14.61
C TYR A 39 5.73 11.41 -13.23
N VAL A 40 5.48 10.18 -12.83
CA VAL A 40 5.88 9.74 -11.50
C VAL A 40 7.40 9.59 -11.40
N THR A 41 8.09 9.35 -12.50
CA THR A 41 9.55 9.32 -12.49
C THR A 41 10.13 10.70 -12.21
N LYS A 42 9.54 11.73 -12.78
CA LYS A 42 9.91 13.10 -12.47
C LYS A 42 9.63 13.40 -10.99
N GLY A 43 8.52 12.90 -10.45
CA GLY A 43 8.22 13.07 -9.04
C GLY A 43 9.27 12.40 -8.18
N LEU A 44 9.65 11.18 -8.52
CA LEU A 44 10.71 10.47 -7.84
C LEU A 44 12.03 11.26 -7.91
N GLY A 45 12.33 11.83 -9.05
CA GLY A 45 13.52 12.65 -9.19
C GLY A 45 13.51 13.83 -8.24
N GLN A 46 12.36 14.47 -8.06
CA GLN A 46 12.29 15.58 -7.12
C GLN A 46 12.59 15.12 -5.70
N ILE A 47 11.96 14.02 -5.29
CA ILE A 47 12.14 13.54 -3.93
C ILE A 47 13.60 13.16 -3.68
N ALA A 48 14.20 12.43 -4.63
CA ALA A 48 15.60 12.03 -4.49
C ALA A 48 16.52 13.24 -4.45
N THR A 49 16.23 14.24 -5.26
CA THR A 49 17.02 15.46 -5.28
C THR A 49 16.94 16.17 -3.93
N ARG A 50 15.75 16.20 -3.35
CA ARG A 50 15.54 16.85 -2.06
C ARG A 50 16.27 16.09 -0.96
N LEU A 51 16.27 14.77 -1.03
CA LEU A 51 17.02 13.95 -0.08
C LEU A 51 18.51 14.23 -0.16
N ARG A 52 19.05 14.30 -1.37
CA ARG A 52 20.47 14.61 -1.53
C ARG A 52 20.78 15.98 -0.90
N ALA A 53 19.90 16.95 -1.10
CA ALA A 53 20.07 18.29 -0.56
C ALA A 53 19.98 18.33 0.98
N GLU A 54 19.25 17.38 1.57
CA GLU A 54 19.17 17.24 3.03
C GLU A 54 20.37 16.45 3.59
N GLY A 55 21.22 15.93 2.71
CA GLY A 55 22.38 15.14 3.11
C GLY A 55 22.07 13.68 3.38
N LYS A 56 20.97 13.20 2.81
CA LYS A 56 20.51 11.82 2.99
C LYS A 56 20.86 10.98 1.77
N ALA A 57 21.22 9.73 2.02
CA ALA A 57 21.63 8.81 0.96
C ALA A 57 20.44 8.43 0.10
N VAL A 58 20.71 8.27 -1.20
CA VAL A 58 19.75 7.72 -2.15
C VAL A 58 20.39 6.51 -2.77
N ASP A 59 19.81 5.35 -2.54
CA ASP A 59 20.41 4.10 -2.98
C ASP A 59 20.41 3.99 -4.49
N HIS A 60 21.41 3.29 -5.02
CA HIS A 60 21.56 3.11 -6.45
C HIS A 60 20.37 2.36 -7.07
N ARG A 61 19.61 1.57 -6.29
CA ARG A 61 18.39 0.95 -6.80
C ARG A 61 17.40 1.99 -7.33
N ILE A 62 17.37 3.17 -6.71
CA ILE A 62 16.53 4.26 -7.19
C ILE A 62 17.00 4.76 -8.54
N ASP A 63 18.31 4.90 -8.69
CA ASP A 63 18.90 5.31 -9.98
C ASP A 63 18.49 4.34 -11.08
N ARG A 64 18.51 3.06 -10.77
CA ARG A 64 18.20 2.01 -11.73
C ARG A 64 16.72 2.01 -12.11
N LEU A 65 15.87 2.32 -11.14
CA LEU A 65 14.44 2.47 -11.39
C LEU A 65 14.21 3.63 -12.36
N VAL A 66 14.86 4.74 -12.12
CA VAL A 66 14.71 5.92 -12.96
C VAL A 66 15.20 5.64 -14.38
N THR A 67 16.39 5.05 -14.54
CA THR A 67 16.91 4.84 -15.88
C THR A 67 16.08 3.81 -16.61
N GLY A 68 15.64 2.77 -15.91
CA GLY A 68 14.78 1.77 -16.51
C GLY A 68 13.44 2.34 -16.96
N ASN A 69 12.88 3.22 -16.15
CA ASN A 69 11.60 3.85 -16.49
C ASN A 69 11.75 4.69 -17.75
N LEU A 70 12.80 5.50 -17.82
CA LEU A 70 12.99 6.36 -18.99
C LEU A 70 13.20 5.52 -20.24
N PHE A 71 14.04 4.50 -20.12
CA PHE A 71 14.39 3.67 -21.26
C PHE A 71 13.15 2.92 -21.77
N ALA A 72 12.28 2.49 -20.86
CA ALA A 72 11.06 1.77 -21.22
C ALA A 72 10.13 2.61 -22.09
N THR A 73 10.27 3.93 -22.02
CA THR A 73 9.43 4.84 -22.81
C THR A 73 10.09 5.37 -24.07
N ILE A 74 11.31 4.91 -24.37
CA ILE A 74 11.96 5.26 -25.63
C ILE A 74 11.20 4.58 -26.78
N THR A 75 11.23 5.24 -27.94
CA THR A 75 10.56 4.72 -29.12
C THR A 75 11.00 3.29 -29.40
N ASN A 76 10.02 2.44 -29.65
CA ASN A 76 10.23 1.05 -30.03
C ASN A 76 10.89 0.21 -28.94
N ALA A 77 10.70 0.59 -27.67
CA ALA A 77 11.27 -0.17 -26.56
C ALA A 77 10.26 -1.11 -25.91
N ASN A 78 9.11 -0.59 -25.48
CA ASN A 78 8.20 -1.38 -24.67
C ASN A 78 6.75 -1.00 -24.99
N PHE A 79 6.03 -1.99 -25.50
CA PHE A 79 4.62 -1.85 -25.85
C PHE A 79 3.72 -2.64 -24.89
N ASP A 80 4.27 -3.15 -23.79
CA ASP A 80 3.59 -4.08 -22.90
C ASP A 80 2.94 -3.33 -21.75
N ASP A 81 1.63 -3.17 -21.82
CA ASP A 81 0.91 -2.38 -20.83
C ASP A 81 1.01 -2.93 -19.42
N ASP A 82 1.00 -4.24 -19.27
CA ASP A 82 1.13 -4.85 -17.94
C ASP A 82 2.46 -4.45 -17.31
N ILE A 83 3.54 -4.49 -18.09
CA ILE A 83 4.86 -4.14 -17.59
C ILE A 83 4.91 -2.66 -17.24
N LEU A 84 4.35 -1.83 -18.11
CA LEU A 84 4.39 -0.40 -17.90
C LEU A 84 3.58 -0.01 -16.66
N ALA A 85 2.40 -0.59 -16.50
CA ALA A 85 1.58 -0.30 -15.33
C ALA A 85 2.32 -0.74 -14.06
N GLU A 86 3.01 -1.87 -14.10
CA GLU A 86 3.74 -2.31 -12.93
C GLU A 86 4.91 -1.39 -12.62
N ARG A 87 5.57 -0.85 -13.64
CA ARG A 87 6.63 0.12 -13.38
C ARG A 87 6.04 1.39 -12.72
N VAL A 88 4.83 1.79 -13.11
CA VAL A 88 4.17 2.91 -12.43
C VAL A 88 3.97 2.59 -10.95
N ARG A 89 3.49 1.38 -10.64
CA ARG A 89 3.28 0.99 -9.24
C ARG A 89 4.57 0.97 -8.46
N MET A 90 5.61 0.39 -9.06
CA MET A 90 6.91 0.29 -8.42
C MET A 90 7.45 1.68 -8.11
N THR A 91 7.23 2.60 -9.03
CA THR A 91 7.72 3.94 -8.88
C THR A 91 6.95 4.69 -7.80
N CYS A 92 5.63 4.52 -7.76
CA CYS A 92 4.84 5.11 -6.69
C CYS A 92 5.27 4.58 -5.32
N ALA A 93 5.53 3.28 -5.23
CA ALA A 93 5.94 2.69 -3.97
C ALA A 93 7.28 3.25 -3.54
N ALA A 94 8.21 3.34 -4.50
CA ALA A 94 9.55 3.78 -4.19
C ALA A 94 9.55 5.24 -3.75
N LYS A 95 8.78 6.09 -4.42
CA LYS A 95 8.82 7.49 -4.08
C LYS A 95 8.05 7.77 -2.78
N LYS A 96 7.04 6.97 -2.46
CA LYS A 96 6.36 7.10 -1.17
C LYS A 96 7.32 6.79 -0.02
N GLU A 97 8.09 5.72 -0.17
CA GLU A 97 9.11 5.35 0.82
C GLU A 97 10.19 6.41 0.95
N LEU A 98 10.67 6.95 -0.17
CA LEU A 98 11.72 7.96 -0.13
C LEU A 98 11.20 9.24 0.51
N ALA A 99 9.96 9.60 0.19
CA ALA A 99 9.37 10.82 0.75
C ALA A 99 9.22 10.73 2.26
N ALA A 100 9.00 9.53 2.77
CA ALA A 100 8.88 9.28 4.21
C ALA A 100 10.19 9.60 4.92
N SER A 101 11.31 9.49 4.22
CA SER A 101 12.63 9.76 4.78
C SER A 101 13.00 11.26 4.73
N LEU A 102 12.21 12.06 4.02
CA LEU A 102 12.42 13.52 4.02
C LEU A 102 12.05 14.11 5.36
N THR A 103 12.84 15.06 5.83
CA THR A 103 12.47 15.81 7.02
C THR A 103 11.40 16.83 6.66
N ASP A 104 11.65 17.57 5.59
CA ASP A 104 10.76 18.61 5.12
C ASP A 104 10.08 18.17 3.83
N LYS A 105 8.75 18.04 3.87
CA LYS A 105 7.96 17.62 2.70
C LYS A 105 7.32 18.80 1.95
N SER A 106 7.59 20.03 2.39
CA SER A 106 7.02 21.21 1.76
C SER A 106 7.44 21.33 0.29
N GLY A 107 6.54 21.80 -0.56
CA GLY A 107 6.90 22.08 -1.94
C GLY A 107 7.01 20.87 -2.86
N LEU A 108 6.65 19.69 -2.36
CA LEU A 108 6.64 18.51 -3.22
C LEU A 108 5.52 18.65 -4.26
N SER A 109 5.87 18.31 -5.50
CA SER A 109 4.94 18.45 -6.63
C SER A 109 3.84 17.41 -6.56
N ASP A 110 2.80 17.63 -7.34
CA ASP A 110 1.79 16.61 -7.51
C ASP A 110 2.39 15.29 -8.00
N ALA A 111 3.38 15.36 -8.89
CA ALA A 111 4.06 14.17 -9.38
C ALA A 111 4.71 13.40 -8.24
N ALA A 112 5.30 14.12 -7.29
CA ALA A 112 5.95 13.50 -6.15
C ALA A 112 4.93 12.81 -5.24
N LEU A 113 3.75 13.40 -5.13
CA LEU A 113 2.74 12.94 -4.17
C LEU A 113 1.73 11.97 -4.74
N TRP A 114 1.42 12.09 -6.02
CA TRP A 114 0.33 11.33 -6.61
C TRP A 114 0.67 9.86 -6.74
N GLU A 115 -0.31 9.00 -6.46
CA GLU A 115 -0.14 7.57 -6.67
C GLU A 115 -1.42 6.91 -7.14
N ALA A 116 -1.26 5.78 -7.81
CA ALA A 116 -2.37 4.91 -8.12
C ALA A 116 -1.88 3.47 -8.21
N SER A 117 -2.75 2.54 -7.85
CA SER A 117 -2.50 1.12 -8.05
C SER A 117 -3.31 0.57 -9.22
N GLU A 118 -4.45 1.18 -9.53
CA GLU A 118 -5.34 0.69 -10.57
C GLU A 118 -4.94 1.28 -11.90
N LYS A 119 -4.84 0.45 -12.92
CA LYS A 119 -4.53 0.93 -14.26
C LYS A 119 -5.51 2.02 -14.70
N SER A 120 -6.79 1.87 -14.42
CA SER A 120 -7.77 2.86 -14.84
C SER A 120 -7.45 4.25 -14.28
N ALA A 121 -6.97 4.30 -13.04
CA ALA A 121 -6.59 5.57 -12.42
C ALA A 121 -5.32 6.14 -13.05
N MET A 122 -4.43 5.27 -13.49
CA MET A 122 -3.23 5.68 -14.21
C MET A 122 -3.58 6.29 -15.54
N LEU A 123 -4.50 5.66 -16.26
CA LEU A 123 -4.92 6.15 -17.56
C LEU A 123 -5.61 7.51 -17.43
N ALA A 124 -6.45 7.65 -16.42
CA ALA A 124 -7.12 8.92 -16.16
C ALA A 124 -6.10 10.02 -15.86
N LYS A 125 -5.12 9.72 -15.02
CA LYS A 125 -4.12 10.70 -14.66
C LYS A 125 -3.31 11.10 -15.88
N ALA A 126 -2.96 10.11 -16.70
CA ALA A 126 -2.19 10.36 -17.90
C ALA A 126 -2.80 11.44 -18.77
N GLY A 127 -4.14 11.45 -18.86
CA GLY A 127 -4.84 12.43 -19.69
C GLY A 127 -4.54 13.87 -19.36
N THR A 128 -4.10 14.14 -18.13
CA THR A 128 -3.80 15.51 -17.70
C THR A 128 -2.31 15.79 -17.40
N VAL A 129 -1.42 14.83 -17.66
CA VAL A 129 0.00 15.01 -17.38
C VAL A 129 0.89 14.71 -18.58
N GLY A 130 0.30 14.69 -19.77
CA GLY A 130 1.05 14.48 -21.00
C GLY A 130 1.73 15.73 -21.48
N VAL A 131 2.19 15.67 -22.73
CA VAL A 131 2.92 16.77 -23.37
C VAL A 131 2.11 18.06 -23.31
N MET A 132 0.82 17.96 -23.61
CA MET A 132 -0.04 19.13 -23.72
C MET A 132 -0.39 19.79 -22.39
N ALA A 133 -0.05 19.17 -21.28
CA ALA A 133 -0.24 19.77 -19.95
C ALA A 133 0.52 21.08 -19.78
N THR A 134 1.65 21.23 -20.46
CA THR A 134 2.38 22.50 -20.48
C THR A 134 1.77 23.36 -21.56
N THR A 135 1.23 24.52 -21.17
CA THR A 135 0.49 25.37 -22.11
C THR A 135 1.45 26.21 -22.97
N ASP A 136 2.48 26.78 -22.37
CA ASP A 136 3.40 27.66 -23.09
C ASP A 136 4.23 26.87 -24.10
N ASP A 137 4.23 27.34 -25.35
CA ASP A 137 4.90 26.66 -26.46
C ASP A 137 6.39 26.43 -26.19
N ASP A 138 7.10 27.46 -25.74
CA ASP A 138 8.56 27.36 -25.57
C ASP A 138 8.95 26.55 -24.35
N VAL A 139 8.23 26.74 -23.25
CA VAL A 139 8.47 25.95 -22.05
C VAL A 139 8.15 24.47 -22.33
N ARG A 140 7.07 24.21 -23.05
CA ARG A 140 6.72 22.85 -23.45
C ARG A 140 7.83 22.25 -24.30
N SER A 141 8.25 22.97 -25.33
CA SER A 141 9.28 22.51 -26.24
C SER A 141 10.56 22.16 -25.50
N LEU A 142 11.01 23.03 -24.61
CA LEU A 142 12.26 22.80 -23.91
C LEU A 142 12.13 21.68 -22.89
N ARG A 143 11.01 21.64 -22.17
CA ARG A 143 10.79 20.56 -21.22
C ARG A 143 10.87 19.22 -21.89
N TRP A 144 10.25 19.08 -23.05
CA TRP A 144 10.23 17.79 -23.74
C TRP A 144 11.53 17.51 -24.46
N LEU A 145 12.19 18.53 -25.00
CA LEU A 145 13.54 18.35 -25.55
C LEU A 145 14.47 17.79 -24.47
N ILE A 146 14.42 18.39 -23.28
CA ILE A 146 15.22 17.93 -22.17
C ILE A 146 14.83 16.52 -21.76
N THR A 147 13.52 16.27 -21.62
CA THR A 147 13.06 14.95 -21.21
C THR A 147 13.55 13.87 -22.20
N PHE A 148 13.43 14.15 -23.49
CA PHE A 148 13.90 13.20 -24.49
C PHE A 148 15.40 13.02 -24.46
N GLY A 149 16.16 14.09 -24.25
CA GLY A 149 17.60 13.98 -24.07
C GLY A 149 17.92 13.12 -22.86
N LEU A 150 17.15 13.30 -21.78
CA LEU A 150 17.34 12.52 -20.56
C LEU A 150 17.05 11.05 -20.79
N LYS A 151 16.08 10.72 -21.65
CA LYS A 151 15.83 9.32 -21.99
C LYS A 151 17.06 8.73 -22.67
N GLY A 152 17.63 9.44 -23.63
CA GLY A 152 18.81 8.95 -24.31
C GLY A 152 19.97 8.79 -23.35
N MET A 153 20.14 9.77 -22.48
CA MET A 153 21.20 9.73 -21.48
C MET A 153 21.03 8.53 -20.57
N ALA A 154 19.79 8.29 -20.17
CA ALA A 154 19.47 7.17 -19.29
C ALA A 154 19.77 5.84 -19.94
N ALA A 155 19.51 5.71 -21.24
CA ALA A 155 19.83 4.48 -21.94
C ALA A 155 21.32 4.18 -21.86
N TYR A 156 22.15 5.18 -22.15
CA TYR A 156 23.58 4.97 -22.14
C TYR A 156 24.07 4.73 -20.72
N ALA A 157 23.54 5.46 -19.75
CA ALA A 157 23.87 5.25 -18.34
C ALA A 157 23.50 3.83 -17.92
N LYS A 158 22.38 3.33 -18.40
CA LYS A 158 21.94 2.01 -18.01
C LYS A 158 22.87 0.93 -18.56
N HIS A 159 23.29 1.06 -19.82
CA HIS A 159 24.25 0.11 -20.38
C HIS A 159 25.57 0.14 -19.61
N ALA A 160 26.01 1.32 -19.20
CA ALA A 160 27.24 1.40 -18.40
C ALA A 160 27.05 0.67 -17.06
N ASP A 161 25.89 0.86 -16.46
CA ASP A 161 25.54 0.23 -15.19
C ASP A 161 25.48 -1.28 -15.29
N VAL A 162 24.94 -1.77 -16.39
CA VAL A 162 24.92 -3.20 -16.69
C VAL A 162 26.34 -3.78 -16.65
N LEU A 163 27.32 -2.98 -17.08
CA LEU A 163 28.72 -3.38 -17.09
C LEU A 163 29.49 -2.96 -15.84
N GLY A 164 28.77 -2.50 -14.81
CA GLY A 164 29.36 -2.23 -13.52
C GLY A 164 29.85 -0.81 -13.28
N LYS A 165 29.54 0.12 -14.17
CA LYS A 165 30.00 1.50 -14.05
C LYS A 165 28.82 2.44 -13.83
N HIS A 166 28.90 3.23 -12.77
CA HIS A 166 27.95 4.30 -12.55
C HIS A 166 28.65 5.43 -11.81
N GLU A 167 28.16 6.65 -12.03
CA GLU A 167 28.73 7.84 -11.45
C GLU A 167 27.61 8.56 -10.73
N ASN A 168 27.81 8.85 -9.45
CA ASN A 168 26.80 9.55 -8.66
C ASN A 168 26.39 10.88 -9.28
N SER A 169 27.35 11.60 -9.83
CA SER A 169 27.05 12.90 -10.40
C SER A 169 26.10 12.81 -11.59
N LEU A 170 26.20 11.72 -12.35
CA LEU A 170 25.34 11.49 -13.51
C LEU A 170 23.91 11.18 -13.06
N ASP A 171 23.76 10.24 -12.15
CA ASP A 171 22.43 9.89 -11.67
C ASP A 171 21.79 11.06 -10.93
N ALA A 172 22.56 11.79 -10.16
CA ALA A 172 22.05 12.97 -9.45
C ALA A 172 21.59 14.02 -10.44
N PHE A 173 22.37 14.27 -11.49
CA PHE A 173 21.95 15.22 -12.51
C PHE A 173 20.64 14.79 -13.16
N MET A 174 20.58 13.55 -13.60
CA MET A 174 19.40 13.06 -14.30
C MET A 174 18.13 13.31 -13.48
N GLN A 175 18.23 13.02 -12.19
CA GLN A 175 17.08 13.11 -11.31
C GLN A 175 16.72 14.56 -10.99
N GLU A 176 17.73 15.41 -10.85
CA GLU A 176 17.51 16.84 -10.66
C GLU A 176 16.89 17.46 -11.91
N ALA A 177 17.38 17.09 -13.08
CA ALA A 177 16.90 17.65 -14.34
C ALA A 177 15.46 17.24 -14.59
N LEU A 178 15.13 15.99 -14.31
CA LEU A 178 13.76 15.53 -14.42
C LEU A 178 12.84 16.36 -13.54
N ALA A 179 13.27 16.61 -12.31
CA ALA A 179 12.47 17.40 -11.37
C ALA A 179 12.28 18.81 -11.89
N LYS A 180 13.33 19.38 -12.49
CA LYS A 180 13.25 20.74 -13.01
C LYS A 180 12.22 20.89 -14.13
N THR A 181 11.96 19.82 -14.88
CA THR A 181 10.96 19.89 -15.95
C THR A 181 9.51 19.97 -15.43
N LEU A 182 9.30 19.81 -14.12
CA LEU A 182 7.98 20.06 -13.56
C LEU A 182 7.91 21.35 -12.74
N ASP A 183 9.02 22.07 -12.64
CA ASP A 183 9.10 23.31 -11.88
C ASP A 183 8.62 24.46 -12.75
N ASP A 184 7.42 24.98 -12.44
CA ASP A 184 6.80 26.03 -13.25
C ASP A 184 7.49 27.39 -13.11
N SER A 185 8.35 27.53 -12.12
CA SER A 185 9.06 28.78 -11.89
C SER A 185 10.25 29.02 -12.81
N LEU A 186 10.72 27.98 -13.49
CA LEU A 186 11.88 28.13 -14.36
C LEU A 186 11.54 28.90 -15.62
N SER A 187 12.41 29.84 -15.98
CA SER A 187 12.26 30.65 -17.17
C SER A 187 12.70 29.90 -18.41
N VAL A 188 12.40 30.47 -19.57
CA VAL A 188 12.89 29.92 -20.83
C VAL A 188 14.41 29.91 -20.81
N ALA A 189 15.04 30.97 -20.31
CA ALA A 189 16.50 31.02 -20.21
C ALA A 189 17.04 29.90 -19.34
N ASP A 190 16.36 29.63 -18.22
CA ASP A 190 16.72 28.53 -17.34
C ASP A 190 16.67 27.20 -18.07
N LEU A 191 15.63 27.03 -18.89
CA LEU A 191 15.43 25.77 -19.61
C LEU A 191 16.39 25.61 -20.78
N VAL A 192 16.74 26.69 -21.47
CA VAL A 192 17.79 26.63 -22.48
C VAL A 192 19.12 26.23 -21.83
N ALA A 193 19.41 26.80 -20.67
CA ALA A 193 20.61 26.44 -19.92
C ALA A 193 20.57 24.96 -19.56
N LEU A 194 19.42 24.47 -19.14
CA LEU A 194 19.30 23.08 -18.73
C LEU A 194 19.44 22.15 -19.93
N THR A 195 18.99 22.61 -21.09
CA THR A 195 19.15 21.86 -22.33
C THR A 195 20.62 21.63 -22.64
N LEU A 196 21.42 22.68 -22.54
CA LEU A 196 22.85 22.56 -22.79
C LEU A 196 23.57 21.76 -21.72
N GLU A 197 23.13 21.88 -20.47
CA GLU A 197 23.69 21.08 -19.40
C GLU A 197 23.38 19.60 -19.59
N THR A 198 22.18 19.33 -20.11
CA THR A 198 21.79 17.98 -20.45
C THR A 198 22.74 17.43 -21.52
N GLY A 199 23.09 18.23 -22.51
CA GLY A 199 24.08 17.82 -23.50
C GLY A 199 25.41 17.48 -22.88
N LYS A 200 25.85 18.29 -21.93
CA LYS A 200 27.12 18.05 -21.26
C LYS A 200 27.11 16.72 -20.52
N PHE A 201 26.03 16.45 -19.80
CA PHE A 201 25.92 15.16 -19.11
C PHE A 201 25.69 14.02 -20.09
N GLY A 202 25.19 14.32 -21.29
CA GLY A 202 25.16 13.37 -22.38
C GLY A 202 26.55 12.91 -22.77
N VAL A 203 27.48 13.85 -22.90
CA VAL A 203 28.87 13.51 -23.14
C VAL A 203 29.37 12.63 -21.99
N SER A 204 29.06 13.01 -20.75
CA SER A 204 29.50 12.23 -19.59
C SER A 204 28.99 10.79 -19.66
N ALA A 205 27.71 10.63 -19.99
CA ALA A 205 27.10 9.31 -20.05
C ALA A 205 27.76 8.50 -21.17
N MET A 206 27.98 9.13 -22.32
CA MET A 206 28.63 8.43 -23.42
C MET A 206 30.08 8.07 -23.09
N ALA A 207 30.76 8.94 -22.36
CA ALA A 207 32.13 8.65 -21.95
C ALA A 207 32.16 7.46 -20.99
N LEU A 208 31.19 7.42 -20.09
CA LEU A 208 31.11 6.34 -19.12
C LEU A 208 30.83 5.01 -19.81
N LEU A 209 29.91 5.01 -20.76
CA LEU A 209 29.58 3.81 -21.50
C LEU A 209 30.76 3.38 -22.37
N ASP A 210 31.42 4.34 -22.99
CA ASP A 210 32.62 4.04 -23.77
C ASP A 210 33.66 3.34 -22.90
N ALA A 211 33.89 3.85 -21.69
CA ALA A 211 34.84 3.23 -20.76
C ALA A 211 34.37 1.85 -20.33
N ALA A 212 33.08 1.69 -20.12
CA ALA A 212 32.53 0.40 -19.73
C ALA A 212 32.69 -0.63 -20.85
N ASN A 213 32.30 -0.27 -22.05
CA ASN A 213 32.37 -1.18 -23.20
C ASN A 213 33.81 -1.57 -23.48
N THR A 214 34.70 -0.59 -23.60
CA THR A 214 36.09 -0.90 -23.95
C THR A 214 36.86 -1.52 -22.81
N GLY A 215 36.51 -1.17 -21.57
CA GLY A 215 37.17 -1.75 -20.42
C GLY A 215 36.85 -3.21 -20.30
N THR A 216 35.66 -3.60 -20.73
CA THR A 216 35.19 -4.97 -20.58
C THR A 216 35.58 -5.83 -21.77
N TYR A 217 35.43 -5.30 -22.98
CA TYR A 217 35.57 -6.09 -24.21
C TYR A 217 36.72 -5.70 -25.12
N GLY A 218 37.55 -4.75 -24.66
CA GLY A 218 38.67 -4.26 -25.43
C GLY A 218 38.29 -3.06 -26.27
N HIS A 219 39.28 -2.34 -26.76
CA HIS A 219 39.03 -1.27 -27.69
C HIS A 219 38.70 -1.82 -29.06
N PRO A 220 37.64 -1.31 -29.69
CA PRO A 220 37.35 -1.70 -31.07
C PRO A 220 38.55 -1.55 -31.97
N GLU A 221 38.64 -2.44 -32.94
CA GLU A 221 39.73 -2.43 -33.90
C GLU A 221 39.15 -2.71 -35.27
N ILE A 222 39.92 -2.40 -36.30
CA ILE A 222 39.51 -2.67 -37.67
C ILE A 222 39.14 -4.15 -37.81
N THR A 223 37.97 -4.36 -38.40
CA THR A 223 37.35 -5.67 -38.49
C THR A 223 36.59 -5.80 -39.80
N LYS A 224 36.68 -6.97 -40.42
CA LYS A 224 35.85 -7.33 -41.56
C LYS A 224 34.74 -8.21 -41.04
N VAL A 225 33.50 -7.81 -41.30
CA VAL A 225 32.32 -8.51 -40.81
C VAL A 225 31.62 -9.16 -41.97
N ASN A 226 31.44 -10.47 -41.90
CA ASN A 226 30.68 -11.21 -42.89
C ASN A 226 29.20 -10.84 -42.82
N ILE A 227 28.58 -10.56 -43.95
CA ILE A 227 27.15 -10.27 -44.00
C ILE A 227 26.35 -11.40 -44.63
N GLY A 228 27.05 -12.45 -45.08
CA GLY A 228 26.43 -13.70 -45.46
C GLY A 228 26.18 -14.60 -44.27
N VAL A 229 25.72 -15.80 -44.54
CA VAL A 229 25.29 -16.70 -43.47
C VAL A 229 25.92 -18.08 -43.60
N GLY A 230 25.93 -18.80 -42.49
CA GLY A 230 26.32 -20.19 -42.45
C GLY A 230 25.12 -21.10 -42.54
N SER A 231 25.35 -22.38 -42.27
CA SER A 231 24.38 -23.44 -42.48
C SER A 231 23.82 -24.00 -41.17
N ASN A 232 24.23 -23.43 -40.04
CA ASN A 232 23.73 -23.87 -38.75
C ASN A 232 22.55 -23.02 -38.31
N PRO A 233 21.71 -23.55 -37.43
CA PRO A 233 20.67 -22.73 -36.81
C PRO A 233 21.32 -21.56 -36.09
N GLY A 234 20.64 -20.43 -36.04
CA GLY A 234 21.18 -19.26 -35.41
C GLY A 234 20.21 -18.54 -34.53
N ILE A 235 20.78 -17.68 -33.70
CA ILE A 235 20.05 -16.68 -32.95
C ILE A 235 20.52 -15.33 -33.43
N LEU A 236 19.59 -14.42 -33.65
CA LEU A 236 19.88 -13.08 -34.10
C LEU A 236 19.72 -12.16 -32.90
N ILE A 237 20.78 -11.48 -32.50
CA ILE A 237 20.72 -10.56 -31.37
C ILE A 237 20.72 -9.13 -31.91
N SER A 238 19.76 -8.35 -31.44
CA SER A 238 19.52 -7.00 -31.91
C SER A 238 19.54 -6.03 -30.72
N GLY A 239 19.54 -4.74 -31.02
CA GLY A 239 19.63 -3.72 -30.00
C GLY A 239 21.06 -3.29 -29.75
N HIS A 240 21.41 -3.02 -28.50
CA HIS A 240 22.72 -2.46 -28.17
C HIS A 240 23.51 -3.13 -27.06
N ASP A 241 22.91 -4.01 -26.27
CA ASP A 241 23.59 -4.46 -25.06
C ASP A 241 24.67 -5.53 -25.27
N LEU A 242 25.92 -5.15 -25.06
CA LEU A 242 27.03 -6.06 -25.29
C LEU A 242 27.14 -7.13 -24.22
N ARG A 243 26.70 -6.85 -23.00
CA ARG A 243 26.74 -7.85 -21.92
C ARG A 243 25.78 -9.01 -22.23
N ASP A 244 24.63 -8.71 -22.81
CA ASP A 244 23.72 -9.77 -23.23
C ASP A 244 24.40 -10.65 -24.27
N LEU A 245 25.10 -10.05 -25.24
CA LEU A 245 25.83 -10.82 -26.23
C LEU A 245 26.88 -11.72 -25.58
N GLU A 246 27.65 -11.18 -24.63
CA GLU A 246 28.67 -11.99 -23.96
C GLU A 246 28.06 -13.24 -23.35
N MET A 247 26.97 -13.06 -22.61
CA MET A 247 26.30 -14.18 -21.99
C MET A 247 25.74 -15.16 -23.02
N LEU A 248 25.18 -14.63 -24.10
CA LEU A 248 24.63 -15.48 -25.16
C LEU A 248 25.74 -16.29 -25.85
N LEU A 249 26.86 -15.65 -26.14
CA LEU A 249 27.98 -16.35 -26.78
C LEU A 249 28.56 -17.44 -25.88
N LYS A 250 28.68 -17.17 -24.59
CA LYS A 250 29.18 -18.17 -23.65
C LYS A 250 28.24 -19.37 -23.61
N GLN A 251 26.94 -19.11 -23.58
CA GLN A 251 25.95 -20.18 -23.46
C GLN A 251 25.74 -20.96 -24.75
N THR A 252 26.05 -20.37 -25.90
CA THR A 252 25.94 -21.09 -27.18
C THR A 252 27.20 -21.86 -27.54
N GLU A 253 28.30 -21.64 -26.82
CA GLU A 253 29.52 -22.40 -27.05
C GLU A 253 29.24 -23.89 -26.94
N GLY A 254 29.61 -24.64 -27.98
CA GLY A 254 29.44 -26.08 -28.01
C GLY A 254 28.06 -26.58 -28.37
N THR A 255 27.11 -25.69 -28.65
CA THR A 255 25.72 -26.10 -28.86
C THR A 255 25.36 -26.38 -30.32
N GLY A 256 26.18 -25.90 -31.25
CA GLY A 256 25.85 -25.98 -32.66
C GLY A 256 24.95 -24.86 -33.14
N VAL A 257 24.66 -23.91 -32.25
CA VAL A 257 23.88 -22.72 -32.59
C VAL A 257 24.84 -21.55 -32.76
N ASP A 258 24.73 -20.90 -33.92
CA ASP A 258 25.51 -19.73 -34.24
C ASP A 258 24.81 -18.48 -33.74
N VAL A 259 25.58 -17.42 -33.57
CA VAL A 259 25.04 -16.12 -33.17
C VAL A 259 25.37 -15.10 -34.23
N TYR A 260 24.34 -14.35 -34.62
CA TYR A 260 24.43 -13.27 -35.58
C TYR A 260 23.99 -11.99 -34.92
N THR A 261 24.50 -10.87 -35.39
CA THR A 261 24.04 -9.57 -34.93
C THR A 261 23.11 -8.91 -35.93
N HIS A 262 22.36 -7.95 -35.42
CA HIS A 262 21.40 -7.18 -36.20
C HIS A 262 21.44 -5.73 -35.75
N SER A 263 21.35 -4.85 -36.73
CA SER A 263 21.19 -3.41 -36.56
C SER A 263 22.29 -2.85 -35.64
N GLU A 264 21.97 -2.48 -34.42
CA GLU A 264 22.96 -1.84 -33.56
C GLU A 264 23.84 -2.81 -32.80
N MET A 265 23.71 -4.10 -33.06
CA MET A 265 24.64 -5.06 -32.51
C MET A 265 25.83 -5.31 -33.45
N LEU A 266 25.77 -4.82 -34.68
CA LEU A 266 26.89 -4.93 -35.61
C LEU A 266 28.24 -4.60 -34.96
N PRO A 267 28.36 -3.48 -34.25
CA PRO A 267 29.66 -3.11 -33.67
C PRO A 267 30.24 -4.07 -32.65
N ALA A 268 29.45 -4.98 -32.09
CA ALA A 268 30.02 -6.02 -31.24
C ALA A 268 31.16 -6.75 -31.93
N HIS A 269 31.06 -6.93 -33.24
CA HIS A 269 32.11 -7.58 -34.02
C HIS A 269 33.47 -6.90 -33.92
N TYR A 270 33.47 -5.61 -33.63
CA TYR A 270 34.69 -4.80 -33.62
C TYR A 270 35.52 -4.99 -32.36
N TYR A 271 34.94 -5.56 -31.32
CA TYR A 271 35.60 -5.68 -30.02
C TYR A 271 36.42 -6.95 -29.99
N PRO A 272 37.69 -6.87 -29.57
CA PRO A 272 38.56 -8.05 -29.59
C PRO A 272 38.04 -9.23 -28.77
N ALA A 273 37.35 -8.99 -27.65
CA ALA A 273 36.88 -10.09 -26.81
C ALA A 273 35.91 -11.01 -27.56
N PHE A 274 35.07 -10.44 -28.43
CA PHE A 274 34.07 -11.26 -29.10
C PHE A 274 34.61 -12.05 -30.28
N LYS A 275 35.81 -11.69 -30.74
CA LYS A 275 36.45 -12.41 -31.83
C LYS A 275 36.93 -13.81 -31.44
N LYS A 276 36.93 -14.10 -30.15
CA LYS A 276 37.41 -15.38 -29.63
C LYS A 276 36.34 -16.49 -29.61
N TYR A 277 35.12 -16.16 -30.05
CA TYR A 277 34.04 -17.15 -30.17
C TYR A 277 33.85 -17.52 -31.63
N ALA A 278 34.19 -18.75 -31.99
CA ALA A 278 34.16 -19.19 -33.38
C ALA A 278 32.75 -19.25 -33.97
N HIS A 279 31.75 -19.39 -33.11
CA HIS A 279 30.35 -19.46 -33.53
C HIS A 279 29.67 -18.08 -33.61
N PHE A 280 30.44 -17.02 -33.41
CA PHE A 280 29.95 -15.66 -33.62
C PHE A 280 30.13 -15.39 -35.10
N LYS A 281 29.01 -15.41 -35.82
CA LYS A 281 29.04 -15.32 -37.26
C LYS A 281 28.90 -13.84 -37.59
N GLY A 282 28.10 -13.52 -38.58
CA GLY A 282 28.14 -12.21 -39.17
C GLY A 282 27.08 -11.28 -38.65
N ASN A 283 26.86 -10.22 -39.42
CA ASN A 283 25.77 -9.31 -39.20
C ASN A 283 24.75 -9.53 -40.29
N TYR A 284 23.51 -9.71 -39.87
CA TYR A 284 22.43 -10.07 -40.77
C TYR A 284 21.49 -8.91 -40.98
N GLY A 285 21.31 -8.53 -42.23
CA GLY A 285 20.32 -7.53 -42.59
C GLY A 285 20.83 -6.12 -42.45
N ASN A 286 19.90 -5.22 -42.13
CA ASN A 286 20.13 -3.79 -42.20
C ASN A 286 19.62 -3.13 -40.92
N ALA A 287 19.06 -1.93 -41.01
CA ALA A 287 18.64 -1.24 -39.81
C ALA A 287 17.30 -1.77 -39.31
N TRP A 288 16.96 -1.39 -38.08
CA TRP A 288 15.80 -1.87 -37.36
C TRP A 288 14.52 -1.91 -38.20
N TRP A 289 14.29 -0.91 -39.04
CA TRP A 289 12.97 -0.72 -39.64
C TRP A 289 12.64 -1.75 -40.71
N LYS A 290 13.65 -2.50 -41.16
CA LYS A 290 13.43 -3.58 -42.12
C LYS A 290 13.17 -4.90 -41.42
N GLN A 291 12.98 -4.91 -40.11
CA GLN A 291 12.99 -6.16 -39.36
C GLN A 291 11.78 -7.05 -39.61
N LYS A 292 10.64 -6.51 -40.04
CA LYS A 292 9.51 -7.39 -40.33
C LYS A 292 9.85 -8.35 -41.47
N GLU A 293 10.69 -7.90 -42.39
CA GLU A 293 11.19 -8.74 -43.48
C GLU A 293 12.37 -9.57 -43.01
N GLU A 294 13.34 -8.92 -42.37
CA GLU A 294 14.61 -9.59 -42.07
C GLU A 294 14.52 -10.57 -40.90
N PHE A 295 13.72 -10.27 -39.89
CA PHE A 295 13.49 -11.26 -38.85
C PHE A 295 12.79 -12.47 -39.41
N GLU A 296 11.87 -12.26 -40.36
CA GLU A 296 11.23 -13.40 -41.00
C GLU A 296 12.25 -14.30 -41.70
N SER A 297 13.07 -13.72 -42.57
CA SER A 297 14.01 -14.50 -43.38
C SER A 297 15.17 -15.07 -42.56
N PHE A 298 15.42 -14.54 -41.36
CA PHE A 298 16.46 -15.07 -40.51
C PHE A 298 16.12 -16.49 -40.05
N ASN A 299 14.83 -16.78 -39.92
CA ASN A 299 14.29 -18.11 -39.57
C ASN A 299 14.46 -18.52 -38.12
N GLY A 300 15.59 -18.17 -37.51
CA GLY A 300 15.83 -18.52 -36.12
C GLY A 300 15.26 -17.50 -35.16
N PRO A 301 15.40 -17.76 -33.86
CA PRO A 301 14.94 -16.79 -32.86
C PRO A 301 15.72 -15.49 -32.89
N VAL A 302 15.05 -14.43 -32.46
CA VAL A 302 15.60 -13.10 -32.42
C VAL A 302 15.48 -12.57 -30.99
N LEU A 303 16.56 -12.02 -30.49
CA LEU A 303 16.63 -11.50 -29.14
C LEU A 303 16.82 -10.00 -29.21
N LEU A 304 15.85 -9.25 -28.67
CA LEU A 304 15.90 -7.80 -28.64
C LEU A 304 16.41 -7.35 -27.28
N THR A 305 17.59 -6.77 -27.25
CA THR A 305 18.20 -6.34 -25.99
C THR A 305 17.78 -4.94 -25.59
N THR A 306 17.41 -4.14 -26.58
CA THR A 306 16.94 -2.76 -26.40
C THR A 306 15.98 -2.47 -27.55
N ASN A 307 15.55 -1.23 -27.65
CA ASN A 307 14.95 -0.78 -28.89
C ASN A 307 15.96 -0.91 -30.06
N CYS A 308 15.51 -0.99 -31.31
CA CYS A 308 14.13 -0.83 -31.74
C CYS A 308 13.49 -2.17 -32.07
N LEU A 309 12.39 -2.45 -31.40
CA LEU A 309 11.49 -3.55 -31.72
C LEU A 309 10.26 -2.93 -32.37
N VAL A 310 9.89 -3.45 -33.54
CA VAL A 310 8.63 -3.08 -34.17
C VAL A 310 7.61 -4.16 -33.86
N PRO A 311 6.35 -3.80 -33.73
CA PRO A 311 5.31 -4.79 -33.46
C PRO A 311 5.44 -5.95 -34.44
N PRO A 312 5.67 -7.16 -33.93
CA PRO A 312 6.05 -8.26 -34.81
C PRO A 312 4.94 -8.83 -35.66
N LYS A 313 5.28 -9.34 -36.83
CA LYS A 313 4.35 -10.13 -37.63
C LYS A 313 4.07 -11.44 -36.91
N ASP A 314 2.86 -11.94 -37.05
CA ASP A 314 2.51 -13.22 -36.46
C ASP A 314 3.40 -14.37 -36.97
N SER A 315 3.97 -14.22 -38.16
CA SER A 315 4.84 -15.23 -38.75
C SER A 315 6.10 -15.53 -37.92
N TYR A 316 6.64 -14.55 -37.23
CA TYR A 316 7.82 -14.76 -36.38
C TYR A 316 7.64 -14.33 -34.92
N LYS A 317 6.45 -13.87 -34.53
CA LYS A 317 6.23 -13.39 -33.17
C LYS A 317 6.60 -14.42 -32.11
N ASP A 318 6.34 -15.70 -32.38
CA ASP A 318 6.62 -16.76 -31.43
C ASP A 318 8.11 -17.02 -31.22
N ARG A 319 8.97 -16.48 -32.08
CA ARG A 319 10.41 -16.63 -31.91
C ARG A 319 11.10 -15.31 -31.62
N VAL A 320 10.34 -14.31 -31.19
CA VAL A 320 10.88 -13.06 -30.67
C VAL A 320 11.02 -13.16 -29.15
N TYR A 321 12.22 -12.90 -28.66
CA TYR A 321 12.49 -12.84 -27.23
C TYR A 321 12.94 -11.43 -26.89
N THR A 322 12.34 -10.85 -25.87
CA THR A 322 12.75 -9.55 -25.37
C THR A 322 13.54 -9.74 -24.10
N THR A 323 14.33 -8.75 -23.74
CA THR A 323 15.03 -8.78 -22.47
C THR A 323 15.26 -7.35 -22.02
N GLY A 324 15.77 -7.16 -20.82
CA GLY A 324 15.98 -5.83 -20.31
C GLY A 324 14.66 -5.09 -20.16
N ILE A 325 14.62 -3.86 -20.64
CA ILE A 325 13.39 -3.08 -20.57
C ILE A 325 12.50 -3.21 -21.80
N VAL A 326 12.87 -4.10 -22.73
CA VAL A 326 12.09 -4.30 -23.95
C VAL A 326 10.89 -5.17 -23.62
N GLY A 327 9.76 -4.87 -24.25
CA GLY A 327 8.58 -5.69 -24.05
C GLY A 327 7.57 -5.56 -25.16
N PHE A 328 6.86 -6.65 -25.40
CA PHE A 328 5.73 -6.67 -26.30
C PHE A 328 4.81 -7.77 -25.82
N THR A 329 3.53 -7.45 -25.66
CA THR A 329 2.58 -8.40 -25.13
C THR A 329 2.50 -9.62 -26.04
N GLY A 330 2.68 -10.80 -25.46
CA GLY A 330 2.68 -12.03 -26.24
C GLY A 330 4.05 -12.49 -26.69
N CYS A 331 5.09 -11.69 -26.44
CA CYS A 331 6.46 -12.10 -26.72
C CYS A 331 7.16 -12.49 -25.44
N LYS A 332 7.82 -13.64 -25.49
CA LYS A 332 8.58 -14.16 -24.37
C LYS A 332 9.66 -13.16 -23.95
N HIS A 333 9.88 -13.07 -22.65
CA HIS A 333 10.81 -12.13 -22.04
C HIS A 333 11.81 -12.87 -21.18
N ILE A 334 13.09 -12.51 -21.32
CA ILE A 334 14.16 -13.06 -20.51
C ILE A 334 14.49 -12.03 -19.43
N PRO A 335 14.19 -12.33 -18.17
CA PRO A 335 14.32 -11.32 -17.10
C PRO A 335 15.74 -10.80 -16.84
N GLY A 336 15.89 -9.49 -16.55
CA GLY A 336 17.16 -8.85 -16.20
C GLY A 336 17.44 -7.50 -16.87
N GLU A 337 17.67 -6.44 -16.09
CA GLU A 337 18.06 -5.13 -16.60
C GLU A 337 19.35 -4.57 -15.94
N ILE A 338 20.07 -5.38 -15.16
CA ILE A 338 21.30 -4.92 -14.49
C ILE A 338 22.56 -5.74 -14.80
N GLY A 339 22.54 -6.49 -15.90
CA GLY A 339 23.70 -7.27 -16.30
C GLY A 339 23.89 -8.59 -15.56
N GLU A 340 22.93 -8.93 -14.71
CA GLU A 340 22.92 -10.20 -13.98
C GLU A 340 22.81 -11.40 -14.93
N HIS A 341 23.08 -12.60 -14.42
CA HIS A 341 23.03 -13.80 -15.25
C HIS A 341 21.64 -13.91 -15.87
N LYS A 342 21.63 -14.15 -17.18
CA LYS A 342 20.42 -14.44 -17.90
C LYS A 342 20.51 -15.83 -18.46
N ASP A 343 19.41 -16.56 -18.36
CA ASP A 343 19.33 -17.93 -18.83
C ASP A 343 18.79 -17.93 -20.25
N PHE A 344 19.65 -18.21 -21.21
CA PHE A 344 19.26 -18.26 -22.62
C PHE A 344 18.97 -19.67 -23.11
N SER A 345 18.83 -20.62 -22.19
CA SER A 345 18.65 -22.01 -22.59
C SER A 345 17.43 -22.24 -23.48
N ALA A 346 16.33 -21.55 -23.20
CA ALA A 346 15.12 -21.74 -23.99
C ALA A 346 15.28 -21.20 -25.40
N ILE A 347 15.96 -20.07 -25.56
CA ILE A 347 16.15 -19.53 -26.89
C ILE A 347 17.08 -20.44 -27.69
N ILE A 348 18.09 -21.01 -27.04
CA ILE A 348 19.03 -21.91 -27.70
C ILE A 348 18.30 -23.18 -28.15
N ALA A 349 17.45 -23.74 -27.29
CA ALA A 349 16.67 -24.91 -27.68
C ALA A 349 15.77 -24.58 -28.85
N HIS A 350 15.13 -23.42 -28.79
CA HIS A 350 14.25 -22.97 -29.86
C HIS A 350 15.01 -22.88 -31.18
N ALA A 351 16.22 -22.33 -31.14
CA ALA A 351 17.00 -22.15 -32.34
C ALA A 351 17.29 -23.47 -33.03
N LYS A 352 17.54 -24.51 -32.25
CA LYS A 352 17.82 -25.82 -32.83
C LYS A 352 16.66 -26.39 -33.63
N THR A 353 15.44 -25.93 -33.36
CA THR A 353 14.25 -26.38 -34.10
C THR A 353 13.97 -25.57 -35.36
N CYS A 354 14.74 -24.50 -35.59
CA CYS A 354 14.51 -23.60 -36.73
C CYS A 354 15.47 -23.88 -37.86
N PRO A 355 15.07 -23.53 -39.09
CA PRO A 355 15.99 -23.57 -40.22
C PRO A 355 17.14 -22.58 -40.04
N ALA A 356 18.25 -22.84 -40.70
CA ALA A 356 19.36 -21.89 -40.74
C ALA A 356 18.88 -20.63 -41.45
N PRO A 357 19.58 -19.52 -41.28
CA PRO A 357 19.13 -18.26 -41.87
C PRO A 357 19.11 -18.32 -43.41
N THR A 358 18.17 -17.61 -44.00
CA THR A 358 18.15 -17.44 -45.45
C THR A 358 19.04 -16.25 -45.80
N GLU A 359 20.02 -16.49 -46.65
CA GLU A 359 20.96 -15.43 -47.00
C GLU A 359 20.25 -14.34 -47.78
N ILE A 360 20.49 -13.10 -47.41
CA ILE A 360 19.92 -11.98 -48.16
C ILE A 360 20.98 -11.20 -48.90
N GLU A 361 22.23 -11.36 -48.48
CA GLU A 361 23.38 -10.82 -49.22
C GLU A 361 24.65 -11.53 -48.76
N SER A 362 25.73 -11.31 -49.48
CA SER A 362 27.01 -11.89 -49.11
C SER A 362 28.09 -10.83 -49.16
N GLY A 363 29.28 -11.21 -48.75
CA GLY A 363 30.43 -10.35 -48.72
C GLY A 363 30.71 -9.85 -47.33
N GLU A 364 31.34 -8.70 -47.25
CA GLU A 364 31.78 -8.17 -45.97
C GLU A 364 31.65 -6.68 -45.95
N ILE A 365 31.56 -6.15 -44.74
CA ILE A 365 31.74 -4.73 -44.51
C ILE A 365 32.82 -4.53 -43.46
N ILE A 366 33.43 -3.36 -43.47
CA ILE A 366 34.54 -3.08 -42.59
C ILE A 366 34.11 -2.03 -41.59
N GLY A 367 34.57 -2.19 -40.35
CA GLY A 367 34.33 -1.18 -39.32
C GLY A 367 35.31 -1.33 -38.18
N GLY A 368 35.04 -0.62 -37.10
CA GLY A 368 35.88 -0.68 -35.92
C GLY A 368 36.76 0.54 -35.72
N PHE A 369 36.37 1.66 -36.33
CA PHE A 369 37.11 2.91 -36.24
C PHE A 369 36.61 3.77 -35.08
N ALA A 370 36.66 3.22 -33.87
CA ALA A 370 36.35 3.99 -32.67
C ALA A 370 37.62 4.75 -32.25
N HIS A 371 37.59 5.43 -31.11
CA HIS A 371 38.60 6.45 -30.87
C HIS A 371 40.01 5.91 -30.72
N ASN A 372 40.19 4.79 -30.03
CA ASN A 372 41.52 4.23 -29.89
C ASN A 372 42.11 3.85 -31.24
N GLN A 373 41.32 3.22 -32.09
CA GLN A 373 41.77 2.77 -33.40
C GLN A 373 42.11 3.95 -34.31
N VAL A 374 41.27 4.97 -34.31
CA VAL A 374 41.54 6.13 -35.18
C VAL A 374 42.72 6.95 -34.64
N LEU A 375 42.85 7.09 -33.33
CA LEU A 375 44.00 7.80 -32.78
C LEU A 375 45.31 7.06 -33.09
N ALA A 376 45.25 5.73 -33.20
CA ALA A 376 46.41 4.93 -33.62
C ALA A 376 46.80 5.24 -35.06
N LEU A 377 45.83 5.66 -35.87
CA LEU A 377 46.04 6.04 -37.26
C LEU A 377 46.14 7.54 -37.47
N ALA A 378 46.22 8.31 -36.39
CA ALA A 378 46.05 9.76 -36.45
C ALA A 378 47.06 10.42 -37.37
N ASP A 379 48.33 10.04 -37.27
CA ASP A 379 49.37 10.63 -38.11
C ASP A 379 49.07 10.48 -39.58
N LYS A 380 48.55 9.31 -39.98
CA LYS A 380 48.24 9.06 -41.38
C LYS A 380 46.99 9.82 -41.85
N VAL A 381 46.01 9.95 -40.96
CA VAL A 381 44.83 10.75 -41.25
C VAL A 381 45.24 12.21 -41.42
N ILE A 382 46.06 12.70 -40.50
CA ILE A 382 46.53 14.09 -40.52
C ILE A 382 47.33 14.36 -41.80
N ASP A 383 48.20 13.43 -42.16
CA ASP A 383 49.00 13.56 -43.37
C ASP A 383 48.11 13.62 -44.63
N ALA A 384 47.05 12.81 -44.64
CA ALA A 384 46.10 12.80 -45.76
C ALA A 384 45.32 14.10 -45.86
N VAL A 385 44.98 14.70 -44.71
CA VAL A 385 44.32 16.00 -44.72
C VAL A 385 45.27 17.09 -45.21
N LYS A 386 46.51 17.06 -44.73
CA LYS A 386 47.51 18.06 -45.12
C LYS A 386 47.84 18.00 -46.61
N SER A 387 47.85 16.78 -47.18
CA SER A 387 48.19 16.59 -48.58
C SER A 387 47.02 16.84 -49.52
N GLY A 388 45.82 16.96 -48.97
CA GLY A 388 44.62 17.13 -49.75
C GLY A 388 43.99 15.84 -50.23
N ALA A 389 44.58 14.70 -49.87
CA ALA A 389 44.00 13.40 -50.20
C ALA A 389 42.59 13.28 -49.60
N ILE A 390 42.43 13.70 -48.34
CA ILE A 390 41.12 13.82 -47.73
C ILE A 390 40.81 15.31 -47.68
N LYS A 391 39.80 15.73 -48.43
CA LYS A 391 39.39 17.12 -48.48
C LYS A 391 38.35 17.43 -47.41
N LYS A 392 37.55 16.44 -47.04
CA LYS A 392 36.50 16.64 -46.05
C LYS A 392 36.11 15.33 -45.42
N PHE A 393 35.74 15.40 -44.14
CA PHE A 393 35.01 14.34 -43.46
C PHE A 393 33.55 14.74 -43.42
N VAL A 394 32.67 13.76 -43.55
CA VAL A 394 31.25 14.00 -43.40
C VAL A 394 30.74 13.06 -42.34
N VAL A 395 30.28 13.61 -41.22
CA VAL A 395 29.67 12.82 -40.18
C VAL A 395 28.24 12.54 -40.60
N MET A 396 27.93 11.27 -40.86
CA MET A 396 26.60 10.85 -41.28
C MET A 396 25.99 9.90 -40.26
N ALA A 397 26.48 10.01 -39.04
CA ALA A 397 26.03 9.22 -37.90
C ALA A 397 24.58 9.49 -37.57
N GLY A 398 23.99 8.59 -36.80
N GLY A 398 24.03 8.66 -36.71
CA GLY A 398 22.64 8.75 -36.29
CA GLY A 398 22.69 8.85 -36.19
C GLY A 398 21.77 7.52 -36.49
C GLY A 398 21.86 7.60 -36.32
N CYS A 399 20.47 7.76 -36.68
N CYS A 399 20.55 7.78 -36.45
CA CYS A 399 19.47 6.70 -36.82
CA CYS A 399 19.63 6.66 -36.49
C CYS A 399 18.96 6.60 -38.24
C CYS A 399 18.78 6.71 -37.75
N ASP A 400 18.72 5.39 -38.68
N ASP A 400 18.63 5.54 -38.36
CA ASP A 400 17.91 5.14 -39.87
CA ASP A 400 17.85 5.38 -39.58
C ASP A 400 16.44 5.06 -39.47
C ASP A 400 16.36 5.26 -39.28
N GLY A 401 15.57 4.99 -40.47
N GLY A 401 15.56 5.16 -40.34
CA GLY A 401 14.15 4.82 -40.23
CA GLY A 401 14.13 5.02 -40.20
C GLY A 401 13.42 4.55 -41.54
C GLY A 401 13.42 4.59 -41.49
N ARG A 402 12.10 4.44 -41.46
N ARG A 402 12.10 4.54 -41.43
CA ARG A 402 11.26 4.04 -42.58
CA ARG A 402 11.27 4.06 -42.52
C ARG A 402 11.08 5.05 -43.70
C ARG A 402 11.14 5.03 -43.69
N ALA A 403 11.19 6.33 -43.40
CA ALA A 403 10.80 7.37 -44.33
C ALA A 403 11.46 7.22 -45.69
N LYS A 404 10.64 7.25 -46.75
CA LYS A 404 11.10 7.19 -48.14
C LYS A 404 12.17 8.25 -48.42
N SER A 405 12.01 9.41 -47.79
CA SER A 405 12.92 10.53 -47.97
C SER A 405 14.36 10.21 -47.58
N ARG A 406 14.57 9.17 -46.77
CA ARG A 406 15.91 8.79 -46.35
C ARG A 406 16.78 8.19 -47.47
N SER A 407 16.19 7.94 -48.63
CA SER A 407 17.00 7.69 -49.83
C SER A 407 18.02 8.81 -50.04
N TYR A 408 17.69 10.00 -49.56
CA TYR A 408 18.63 11.11 -49.53
C TYR A 408 20.01 10.70 -49.04
N TYR A 409 20.09 9.96 -47.93
CA TYR A 409 21.39 9.66 -47.32
C TYR A 409 22.20 8.72 -48.18
N THR A 410 21.53 7.77 -48.82
CA THR A 410 22.19 6.89 -49.79
C THR A 410 22.73 7.68 -50.97
N ASP A 411 21.89 8.56 -51.51
CA ASP A 411 22.24 9.31 -52.71
C ASP A 411 23.32 10.32 -52.40
N PHE A 412 23.25 10.93 -51.22
CA PHE A 412 24.27 11.88 -50.78
C PHE A 412 25.62 11.15 -50.66
N ALA A 413 25.64 10.01 -50.00
CA ALA A 413 26.86 9.22 -49.86
C ALA A 413 27.43 8.82 -51.22
N GLU A 414 26.58 8.33 -52.11
CA GLU A 414 27.01 7.89 -53.44
C GLU A 414 27.57 9.05 -54.27
N GLY A 415 27.00 10.23 -54.09
CA GLY A 415 27.36 11.41 -54.86
C GLY A 415 28.53 12.19 -54.29
N LEU A 416 28.98 11.86 -53.09
CA LEU A 416 30.12 12.56 -52.51
C LEU A 416 31.34 12.38 -53.41
N PRO A 417 32.16 13.41 -53.58
CA PRO A 417 33.43 13.25 -54.29
C PRO A 417 34.31 12.22 -53.60
N LYS A 418 35.18 11.56 -54.35
CA LYS A 418 35.96 10.46 -53.81
C LYS A 418 37.16 10.90 -52.98
N ASP A 419 37.25 12.19 -52.68
CA ASP A 419 38.25 12.72 -51.74
C ASP A 419 37.62 13.05 -50.37
N THR A 420 36.45 12.48 -50.09
CA THR A 420 35.78 12.66 -48.80
C THR A 420 35.66 11.35 -48.08
N VAL A 421 35.61 11.41 -46.76
CA VAL A 421 35.47 10.25 -45.91
C VAL A 421 34.23 10.43 -45.06
N ILE A 422 33.38 9.41 -45.03
CA ILE A 422 32.21 9.42 -44.17
C ILE A 422 32.58 8.82 -42.83
N LEU A 423 32.23 9.52 -41.76
CA LEU A 423 32.34 9.02 -40.41
C LEU A 423 30.96 8.67 -39.93
N THR A 424 30.80 7.46 -39.40
CA THR A 424 29.48 7.05 -38.99
C THR A 424 29.48 6.29 -37.68
N ALA A 425 28.28 6.20 -37.11
CA ALA A 425 27.96 5.50 -35.87
C ALA A 425 26.43 5.48 -35.81
N GLY A 426 25.86 4.44 -35.24
CA GLY A 426 24.41 4.31 -35.21
C GLY A 426 23.86 3.74 -36.49
N CYS A 427 22.60 3.34 -36.47
CA CYS A 427 22.05 2.57 -37.58
C CYS A 427 21.80 3.40 -38.85
N ALA A 428 21.98 4.71 -38.78
CA ALA A 428 22.02 5.53 -39.99
C ALA A 428 22.98 4.98 -41.02
N LYS A 429 24.03 4.28 -40.56
CA LYS A 429 25.07 3.72 -41.41
C LYS A 429 24.52 2.84 -42.52
N TYR A 430 23.36 2.22 -42.28
CA TYR A 430 22.88 1.21 -43.22
C TYR A 430 22.40 1.83 -44.53
N ARG A 431 22.22 3.14 -44.59
CA ARG A 431 21.89 3.79 -45.85
C ARG A 431 23.08 3.86 -46.80
N TYR A 432 24.30 3.63 -46.31
CA TYR A 432 25.46 3.71 -47.20
C TYR A 432 26.60 2.73 -46.90
N ASN A 433 26.45 1.81 -45.95
CA ASN A 433 27.55 0.90 -45.63
C ASN A 433 27.56 -0.37 -46.49
N LYS A 434 26.61 -0.49 -47.41
CA LYS A 434 26.55 -1.59 -48.38
C LYS A 434 26.84 -1.08 -49.79
N LEU A 435 27.36 0.15 -49.90
CA LEU A 435 27.75 0.71 -51.19
C LEU A 435 29.23 0.42 -51.40
N ASN A 436 29.69 0.62 -52.62
CA ASN A 436 31.08 0.38 -52.97
C ASN A 436 31.79 1.72 -53.13
N LEU A 437 32.14 2.34 -52.00
CA LEU A 437 32.67 3.70 -51.97
C LEU A 437 34.19 3.80 -52.01
N GLY A 438 34.88 2.70 -51.79
CA GLY A 438 36.33 2.66 -51.95
C GLY A 438 37.10 3.22 -50.78
N ASP A 439 38.27 3.78 -51.08
CA ASP A 439 39.22 4.21 -50.07
C ASP A 439 40.06 5.39 -50.57
N ILE A 440 40.68 6.08 -49.61
CA ILE A 440 41.63 7.15 -49.90
C ILE A 440 42.94 6.81 -49.22
N GLY A 441 43.97 6.51 -49.99
CA GLY A 441 45.26 6.15 -49.46
C GLY A 441 45.16 4.97 -48.51
N GLY A 442 44.22 4.06 -48.78
CA GLY A 442 44.01 2.88 -47.96
C GLY A 442 43.05 3.07 -46.80
N ILE A 443 42.70 4.32 -46.49
CA ILE A 443 41.69 4.61 -45.45
C ILE A 443 40.32 4.40 -46.07
N PRO A 444 39.48 3.51 -45.55
CA PRO A 444 38.14 3.36 -46.12
C PRO A 444 37.35 4.67 -46.15
N ARG A 445 36.52 4.85 -47.17
CA ARG A 445 35.73 6.06 -47.28
C ARG A 445 34.48 6.04 -46.39
N VAL A 446 34.19 4.91 -45.76
CA VAL A 446 33.24 4.87 -44.65
C VAL A 446 33.97 4.31 -43.43
N LEU A 447 34.06 5.10 -42.37
CA LEU A 447 34.69 4.71 -41.11
C LEU A 447 33.59 4.58 -40.05
N ASP A 448 33.27 3.34 -39.72
CA ASP A 448 32.21 3.06 -38.77
C ASP A 448 32.80 2.93 -37.37
N ALA A 449 32.49 3.90 -36.53
CA ALA A 449 32.95 3.92 -35.14
C ALA A 449 32.13 3.06 -34.20
N GLY A 450 30.92 2.69 -34.61
CA GLY A 450 30.14 1.73 -33.85
C GLY A 450 28.67 2.08 -33.71
N GLN A 451 28.18 1.96 -32.48
CA GLN A 451 26.78 2.19 -32.15
C GLN A 451 26.53 3.69 -32.06
N CYS A 452 25.28 4.10 -31.91
CA CYS A 452 24.99 5.53 -31.78
C CYS A 452 25.78 6.16 -30.62
N ASN A 453 25.95 5.43 -29.53
CA ASN A 453 26.77 5.90 -28.41
C ASN A 453 28.22 6.16 -28.79
N ASP A 454 28.70 5.47 -29.82
CA ASP A 454 30.06 5.68 -30.32
C ASP A 454 30.20 6.94 -31.16
N SER A 455 29.13 7.70 -31.28
CA SER A 455 29.26 9.11 -31.67
C SER A 455 30.25 9.80 -30.73
N TYR A 456 30.37 9.33 -29.50
CA TYR A 456 31.41 9.78 -28.57
C TYR A 456 32.79 9.72 -29.19
N SER A 457 33.13 8.58 -29.80
CA SER A 457 34.40 8.45 -30.49
C SER A 457 34.59 9.48 -31.58
N LEU A 458 33.52 9.78 -32.34
CA LEU A 458 33.63 10.76 -33.40
C LEU A 458 33.96 12.13 -32.81
N ALA A 459 33.35 12.46 -31.68
CA ALA A 459 33.68 13.71 -30.98
C ALA A 459 35.13 13.71 -30.46
N VAL A 460 35.58 12.60 -29.90
CA VAL A 460 36.95 12.47 -29.41
C VAL A 460 37.93 12.65 -30.57
N ILE A 461 37.62 12.07 -31.72
CA ILE A 461 38.46 12.17 -32.89
C ILE A 461 38.50 13.62 -33.36
N ALA A 462 37.34 14.27 -33.44
CA ALA A 462 37.30 15.65 -33.88
C ALA A 462 38.12 16.54 -32.95
N LEU A 463 37.99 16.33 -31.64
CA LEU A 463 38.73 17.13 -30.69
C LEU A 463 40.23 16.87 -30.75
N LYS A 464 40.63 15.63 -31.07
CA LYS A 464 42.04 15.31 -31.27
C LYS A 464 42.57 16.06 -32.47
N LEU A 465 41.84 16.04 -33.57
CA LEU A 465 42.24 16.75 -34.78
C LEU A 465 42.33 18.24 -34.52
N LYS A 466 41.39 18.78 -33.76
CA LYS A 466 41.42 20.19 -33.37
C LYS A 466 42.74 20.49 -32.66
N GLU A 467 43.15 19.61 -31.76
CA GLU A 467 44.38 19.80 -30.99
C GLU A 467 45.63 19.71 -31.86
N VAL A 468 45.71 18.69 -32.71
CA VAL A 468 46.89 18.46 -33.53
C VAL A 468 47.08 19.61 -34.53
N PHE A 469 45.98 20.13 -35.06
CA PHE A 469 46.03 21.23 -36.01
C PHE A 469 46.13 22.60 -35.31
N GLY A 470 46.07 22.63 -33.99
CA GLY A 470 46.26 23.85 -33.24
C GLY A 470 45.15 24.86 -33.46
N LEU A 471 43.94 24.36 -33.71
CA LEU A 471 42.79 25.20 -33.98
C LEU A 471 42.11 25.66 -32.70
N GLU A 472 41.61 26.88 -32.72
CA GLU A 472 40.90 27.44 -31.57
C GLU A 472 39.46 26.95 -31.51
N ASP A 473 38.92 26.58 -32.66
CA ASP A 473 37.51 26.25 -32.80
C ASP A 473 37.37 24.91 -33.51
N VAL A 474 36.65 23.97 -32.90
CA VAL A 474 36.44 22.66 -33.51
C VAL A 474 35.76 22.77 -34.89
N ASN A 475 34.99 23.84 -35.09
CA ASN A 475 34.27 24.03 -36.34
C ASN A 475 35.17 24.42 -37.50
N ASP A 476 36.43 24.70 -37.24
CA ASP A 476 37.38 25.02 -38.30
C ASP A 476 38.07 23.80 -38.89
N LEU A 477 37.72 22.62 -38.38
CA LEU A 477 38.10 21.36 -39.03
C LEU A 477 37.29 21.17 -40.31
N PRO A 478 37.84 20.40 -41.25
CA PRO A 478 37.15 20.12 -42.52
C PRO A 478 36.12 18.99 -42.34
N ILE A 479 35.07 19.28 -41.58
CA ILE A 479 34.03 18.32 -41.24
C ILE A 479 32.68 18.94 -41.49
N VAL A 480 31.85 18.22 -42.21
CA VAL A 480 30.45 18.54 -42.43
C VAL A 480 29.64 17.52 -41.64
N TYR A 481 28.56 17.97 -41.02
CA TYR A 481 27.72 17.12 -40.19
C TYR A 481 26.38 16.99 -40.88
N ASN A 482 26.08 15.79 -41.38
CA ASN A 482 24.81 15.50 -42.04
C ASN A 482 24.19 14.28 -41.36
N ILE A 483 23.58 14.55 -40.21
CA ILE A 483 23.14 13.54 -39.26
C ILE A 483 21.67 13.22 -39.43
N ALA A 484 21.36 11.93 -39.38
CA ALA A 484 19.99 11.46 -39.44
C ALA A 484 19.56 11.09 -38.05
N TRP A 485 18.31 11.35 -37.68
CA TRP A 485 17.84 11.01 -36.35
C TRP A 485 16.52 10.28 -36.43
N TYR A 486 16.21 9.53 -35.38
CA TYR A 486 14.92 8.85 -35.27
C TYR A 486 14.37 8.94 -33.85
N GLU A 487 15.13 8.43 -32.89
N GLU A 487 15.11 8.48 -32.86
CA GLU A 487 14.66 8.30 -31.51
CA GLU A 487 14.56 8.52 -31.51
C GLU A 487 15.55 9.10 -30.54
C GLU A 487 15.42 9.27 -30.51
N GLN A 488 15.33 8.91 -29.24
CA GLN A 488 15.80 9.81 -28.20
C GLN A 488 17.28 9.70 -27.88
N LYS A 489 17.91 8.57 -28.18
CA LYS A 489 19.36 8.48 -28.15
C LYS A 489 19.99 9.46 -29.16
N ALA A 490 19.39 9.61 -30.33
CA ALA A 490 19.89 10.62 -31.28
C ALA A 490 19.73 12.02 -30.70
N VAL A 491 18.68 12.25 -29.92
CA VAL A 491 18.49 13.53 -29.27
C VAL A 491 19.62 13.83 -28.30
N ILE A 492 20.02 12.87 -27.45
CA ILE A 492 21.12 13.16 -26.53
C ILE A 492 22.44 13.33 -27.28
N VAL A 493 22.63 12.59 -28.37
CA VAL A 493 23.83 12.79 -29.17
C VAL A 493 23.87 14.21 -29.74
N LEU A 494 22.74 14.67 -30.25
CA LEU A 494 22.66 16.03 -30.78
C LEU A 494 22.99 17.04 -29.70
N LEU A 495 22.35 16.91 -28.53
CA LEU A 495 22.61 17.84 -27.43
C LEU A 495 24.05 17.79 -26.97
N ALA A 496 24.63 16.60 -26.95
CA ALA A 496 26.04 16.43 -26.61
C ALA A 496 26.92 17.20 -27.58
N LEU A 497 26.66 17.06 -28.88
CA LEU A 497 27.46 17.77 -29.88
C LEU A 497 27.30 19.27 -29.73
N LEU A 498 26.08 19.73 -29.45
CA LEU A 498 25.87 21.17 -29.24
C LEU A 498 26.60 21.65 -28.01
N SER A 499 26.64 20.86 -26.95
CA SER A 499 27.34 21.22 -25.73
C SER A 499 28.85 21.32 -25.96
N LEU A 500 29.34 20.57 -26.95
CA LEU A 500 30.75 20.58 -27.31
C LEU A 500 31.09 21.71 -28.28
N GLY A 501 30.09 22.49 -28.66
CA GLY A 501 30.31 23.65 -29.50
C GLY A 501 30.26 23.38 -30.99
N VAL A 502 29.75 22.22 -31.40
CA VAL A 502 29.64 21.88 -32.81
C VAL A 502 28.49 22.66 -33.44
N LYS A 503 28.81 23.41 -34.49
CA LYS A 503 27.85 24.22 -35.23
C LYS A 503 27.62 23.63 -36.62
N ASN A 504 26.61 24.16 -37.31
CA ASN A 504 26.35 23.83 -38.71
C ASN A 504 25.84 22.42 -38.93
N ILE A 505 25.29 21.80 -37.90
CA ILE A 505 24.76 20.46 -38.05
C ILE A 505 23.52 20.48 -38.93
N HIS A 506 23.54 19.66 -39.97
CA HIS A 506 22.38 19.44 -40.81
C HIS A 506 21.70 18.19 -40.25
N LEU A 507 20.44 18.32 -39.86
CA LEU A 507 19.69 17.29 -39.19
C LEU A 507 18.50 16.90 -40.07
N GLY A 508 18.27 15.62 -40.23
CA GLY A 508 17.15 15.19 -41.04
C GLY A 508 16.73 13.76 -40.75
N PRO A 509 15.82 13.23 -41.55
CA PRO A 509 15.28 13.89 -42.74
C PRO A 509 14.31 15.03 -42.50
N THR A 510 13.78 15.13 -41.29
CA THR A 510 12.97 16.28 -40.87
C THR A 510 13.53 16.80 -39.56
N LEU A 511 13.11 17.99 -39.14
CA LEU A 511 13.46 18.51 -37.83
C LEU A 511 12.40 18.08 -36.81
N PRO A 512 12.80 17.81 -35.56
CA PRO A 512 11.85 17.35 -34.55
C PRO A 512 10.60 18.22 -34.39
N ALA A 513 9.47 17.54 -34.22
CA ALA A 513 8.20 18.21 -34.01
C ALA A 513 8.17 18.96 -32.69
N PHE A 514 9.02 18.55 -31.74
CA PHE A 514 9.04 19.14 -30.40
C PHE A 514 9.87 20.41 -30.28
N LEU A 515 10.40 20.91 -31.39
CA LEU A 515 11.05 22.22 -31.40
C LEU A 515 10.02 23.26 -31.80
N SER A 516 9.69 24.16 -30.87
CA SER A 516 8.78 25.28 -31.16
C SER A 516 9.52 26.25 -32.06
N PRO A 517 8.80 27.09 -32.81
CA PRO A 517 9.44 28.11 -33.65
C PRO A 517 10.53 28.91 -32.93
N ASN A 518 10.27 29.37 -31.71
CA ASN A 518 11.27 30.18 -30.98
C ASN A 518 12.47 29.37 -30.52
N VAL A 519 12.26 28.11 -30.16
CA VAL A 519 13.36 27.24 -29.77
C VAL A 519 14.21 26.90 -31.00
N ALA A 520 13.55 26.58 -32.11
CA ALA A 520 14.24 26.35 -33.37
C ALA A 520 15.06 27.57 -33.77
N LYS A 521 14.53 28.77 -33.54
CA LYS A 521 15.23 30.01 -33.89
C LYS A 521 16.53 30.15 -33.10
N VAL A 522 16.52 29.80 -31.82
CA VAL A 522 17.71 29.83 -31.00
C VAL A 522 18.76 28.85 -31.54
N LEU A 523 18.31 27.66 -31.93
CA LEU A 523 19.23 26.66 -32.46
C LEU A 523 19.84 27.09 -33.80
N VAL A 524 19.05 27.77 -34.62
CA VAL A 524 19.56 28.31 -35.88
C VAL A 524 20.51 29.47 -35.62
N GLU A 525 20.11 30.39 -34.76
CA GLU A 525 20.90 31.60 -34.50
C GLU A 525 22.22 31.30 -33.82
N GLN A 526 22.20 30.41 -32.82
CA GLN A 526 23.41 30.14 -32.05
C GLN A 526 24.21 28.96 -32.53
N PHE A 527 23.57 27.98 -33.15
CA PHE A 527 24.25 26.76 -33.55
C PHE A 527 24.19 26.46 -35.04
N ASN A 528 23.51 27.32 -35.79
CA ASN A 528 23.31 27.13 -37.22
C ASN A 528 22.87 25.72 -37.59
N ILE A 529 21.93 25.18 -36.82
CA ILE A 529 21.29 23.93 -37.19
C ILE A 529 20.45 24.16 -38.44
N GLY A 530 20.48 23.20 -39.34
CA GLY A 530 19.70 23.26 -40.56
C GLY A 530 19.15 21.90 -40.90
N GLY A 531 18.40 21.84 -41.99
CA GLY A 531 17.83 20.60 -42.47
C GLY A 531 18.41 20.19 -43.80
N ILE A 532 17.75 19.24 -44.45
CA ILE A 532 18.19 18.74 -45.74
C ILE A 532 17.23 19.17 -46.83
N THR A 533 17.72 19.15 -48.07
CA THR A 533 16.87 19.30 -49.26
C THR A 533 17.10 18.10 -50.17
N SER A 534 17.46 18.30 -51.43
CA SER A 534 17.80 17.17 -52.29
C SER A 534 19.27 16.84 -52.09
N PRO A 535 19.64 15.59 -52.34
CA PRO A 535 21.04 15.21 -52.17
C PRO A 535 21.96 16.01 -53.09
N GLN A 536 21.55 16.21 -54.33
CA GLN A 536 22.39 16.92 -55.29
C GLN A 536 22.57 18.40 -54.92
N ASP A 537 21.53 19.02 -54.40
CA ASP A 537 21.61 20.41 -53.96
C ASP A 537 22.53 20.52 -52.75
N ASP A 538 22.37 19.62 -51.79
CA ASP A 538 23.15 19.68 -50.57
C ASP A 538 24.60 19.31 -50.80
N LEU A 539 24.86 18.43 -51.77
CA LEU A 539 26.23 18.09 -52.13
C LEU A 539 26.99 19.31 -52.62
N LYS A 540 26.29 20.27 -53.21
CA LYS A 540 26.87 21.58 -53.53
C LYS A 540 26.86 22.51 -52.30
N ALA A 541 25.70 22.71 -51.71
CA ALA A 541 25.51 23.74 -50.69
C ALA A 541 26.28 23.50 -49.38
N PHE A 542 26.40 22.25 -48.97
CA PHE A 542 27.00 21.94 -47.67
C PHE A 542 28.51 22.08 -47.65
N PHE A 543 29.11 22.19 -48.84
CA PHE A 543 30.57 22.31 -48.95
C PHE A 543 30.99 23.69 -49.46
N GLY A 544 30.17 24.61 -49.55
N SER B 1 -34.77 13.24 50.90
CA SER B 1 -34.87 12.82 49.47
C SER B 1 -33.50 12.55 48.89
N ASN B 2 -33.41 11.53 48.04
CA ASN B 2 -32.16 11.18 47.39
C ASN B 2 -31.85 12.15 46.24
N ALA B 3 -30.60 12.58 46.17
CA ALA B 3 -30.11 13.37 45.03
C ALA B 3 -30.08 12.54 43.74
N MET B 4 -29.87 11.24 43.89
CA MET B 4 -29.84 10.32 42.78
C MET B 4 -30.23 8.95 43.28
N PHE B 5 -30.49 8.05 42.36
CA PHE B 5 -30.58 6.66 42.72
C PHE B 5 -30.11 5.82 41.57
N CYS B 6 -29.00 5.13 41.78
CA CYS B 6 -28.45 4.22 40.79
C CYS B 6 -27.92 3.01 41.53
N TYR B 7 -28.27 1.81 41.05
CA TYR B 7 -27.83 0.56 41.65
C TYR B 7 -27.45 -0.48 40.60
N GLN B 8 -27.02 -0.04 39.42
CA GLN B 8 -26.85 -0.96 38.28
C GLN B 8 -25.54 -1.73 38.24
N CYS B 9 -24.54 -1.38 39.06
CA CYS B 9 -23.28 -2.12 39.05
C CYS B 9 -23.00 -2.78 40.39
N GLN B 10 -22.00 -3.66 40.39
CA GLN B 10 -21.68 -4.47 41.53
C GLN B 10 -21.22 -3.63 42.72
N GLU B 11 -20.62 -2.48 42.47
CA GLU B 11 -20.04 -1.65 43.52
C GLU B 11 -20.99 -0.64 44.13
N THR B 12 -22.27 -0.71 43.83
CA THR B 12 -23.23 0.26 44.37
C THR B 12 -23.15 0.33 45.89
N VAL B 13 -23.33 1.52 46.45
CA VAL B 13 -23.06 1.72 47.87
C VAL B 13 -23.84 0.74 48.74
N GLY B 14 -23.13 0.04 49.62
CA GLY B 14 -23.73 -0.85 50.60
C GLY B 14 -24.46 -2.03 49.99
N ASN B 15 -24.23 -2.29 48.70
CA ASN B 15 -25.08 -3.17 47.91
C ASN B 15 -26.56 -2.83 48.05
N LYS B 16 -26.84 -1.54 48.10
CA LYS B 16 -28.21 -1.03 48.21
C LYS B 16 -28.49 0.01 47.13
N GLY B 17 -27.59 0.97 46.95
CA GLY B 17 -27.80 2.01 45.97
C GLY B 17 -26.96 3.24 46.24
N CYS B 18 -26.51 3.86 45.18
CA CYS B 18 -25.83 5.15 45.24
C CYS B 18 -26.88 6.23 45.23
N THR B 19 -26.93 7.01 46.31
CA THR B 19 -28.01 7.97 46.54
C THR B 19 -27.55 9.41 46.51
N GLN B 20 -26.25 9.65 46.58
CA GLN B 20 -25.73 11.01 46.57
C GLN B 20 -24.71 11.17 45.45
N VAL B 21 -23.66 10.35 45.49
CA VAL B 21 -22.67 10.26 44.42
C VAL B 21 -22.35 8.80 44.17
N GLY B 22 -22.03 8.45 42.93
CA GLY B 22 -21.72 7.09 42.60
C GLY B 22 -20.33 6.70 43.06
N VAL B 23 -20.18 5.44 43.47
CA VAL B 23 -18.87 4.87 43.73
C VAL B 23 -17.97 4.97 42.48
N CYS B 24 -18.57 4.95 41.31
CA CYS B 24 -17.85 5.09 40.03
C CYS B 24 -17.42 6.51 39.74
N GLY B 25 -17.92 7.46 40.51
CA GLY B 25 -17.66 8.86 40.28
C GLY B 25 -18.80 9.62 39.64
N LYS B 26 -19.89 8.93 39.29
CA LYS B 26 -21.02 9.58 38.62
C LYS B 26 -21.69 10.53 39.57
N LYS B 27 -21.73 11.79 39.20
CA LYS B 27 -22.35 12.81 40.03
C LYS B 27 -23.86 12.80 39.84
N PRO B 28 -24.61 13.31 40.82
CA PRO B 28 -26.07 13.21 40.76
C PRO B 28 -26.72 13.87 39.54
N GLU B 29 -26.18 14.96 39.03
CA GLU B 29 -26.75 15.56 37.82
C GLU B 29 -26.48 14.68 36.60
N THR B 30 -25.32 14.04 36.56
CA THR B 30 -25.01 13.09 35.50
C THR B 30 -25.98 11.93 35.57
N ALA B 31 -26.22 11.41 36.77
CA ALA B 31 -27.15 10.33 36.98
C ALA B 31 -28.55 10.70 36.53
N ALA B 32 -28.95 11.95 36.80
CA ALA B 32 -30.26 12.44 36.38
C ALA B 32 -30.39 12.49 34.87
N LEU B 33 -29.35 12.98 34.20
CA LEU B 33 -29.39 13.03 32.74
C LEU B 33 -29.47 11.64 32.16
N GLN B 34 -28.75 10.68 32.74
CA GLN B 34 -28.85 9.31 32.25
C GLN B 34 -30.25 8.77 32.47
N ASP B 35 -30.88 9.09 33.61
CA ASP B 35 -32.26 8.66 33.86
C ASP B 35 -33.22 9.26 32.83
N ALA B 36 -33.02 10.53 32.50
CA ALA B 36 -33.84 11.20 31.50
C ALA B 36 -33.64 10.55 30.13
N LEU B 37 -32.40 10.20 29.82
CA LEU B 37 -32.09 9.59 28.53
C LEU B 37 -32.71 8.21 28.43
N ILE B 38 -32.67 7.44 29.50
CA ILE B 38 -33.31 6.13 29.49
C ILE B 38 -34.82 6.28 29.31
N TYR B 39 -35.43 7.25 29.99
CA TYR B 39 -36.85 7.50 29.88
C TYR B 39 -37.27 7.78 28.44
N VAL B 40 -36.60 8.70 27.77
CA VAL B 40 -36.98 9.03 26.41
C VAL B 40 -36.58 7.92 25.43
N THR B 41 -35.57 7.13 25.77
CA THR B 41 -35.23 5.97 24.93
C THR B 41 -36.33 4.92 25.00
N LYS B 42 -36.91 4.71 26.18
CA LYS B 42 -38.05 3.81 26.33
C LYS B 42 -39.27 4.36 25.58
N GLY B 43 -39.48 5.68 25.61
CA GLY B 43 -40.56 6.29 24.86
C GLY B 43 -40.36 6.12 23.36
N LEU B 44 -39.14 6.29 22.88
CA LEU B 44 -38.82 6.04 21.48
C LEU B 44 -39.08 4.57 21.13
N GLY B 45 -38.71 3.68 22.04
CA GLY B 45 -38.98 2.27 21.88
C GLY B 45 -40.48 1.99 21.75
N GLN B 46 -41.31 2.68 22.52
CA GLN B 46 -42.76 2.49 22.42
C GLN B 46 -43.25 2.90 21.05
N ILE B 47 -42.79 4.06 20.58
CA ILE B 47 -43.25 4.56 19.29
C ILE B 47 -42.78 3.66 18.15
N ALA B 48 -41.51 3.27 18.17
CA ALA B 48 -40.96 2.41 17.11
C ALA B 48 -41.65 1.07 17.09
N THR B 49 -41.92 0.52 18.27
CA THR B 49 -42.64 -0.74 18.39
C THR B 49 -44.04 -0.64 17.79
N ARG B 50 -44.72 0.47 18.06
CA ARG B 50 -46.05 0.69 17.53
C ARG B 50 -46.02 0.84 16.01
N LEU B 51 -44.98 1.47 15.47
CA LEU B 51 -44.83 1.56 14.01
C LEU B 51 -44.63 0.20 13.40
N ARG B 52 -43.75 -0.62 13.97
CA ARG B 52 -43.54 -1.96 13.44
C ARG B 52 -44.84 -2.76 13.49
N ALA B 53 -45.64 -2.51 14.52
CA ALA B 53 -46.89 -3.24 14.75
C ALA B 53 -48.01 -2.80 13.82
N GLU B 54 -47.81 -1.73 13.08
CA GLU B 54 -48.73 -1.35 12.00
C GLU B 54 -48.13 -1.70 10.63
N GLY B 55 -47.03 -2.43 10.64
CA GLY B 55 -46.37 -2.87 9.41
C GLY B 55 -45.46 -1.83 8.77
N LYS B 56 -45.17 -0.75 9.48
CA LYS B 56 -44.34 0.33 8.95
C LYS B 56 -42.87 0.13 9.29
N ALA B 57 -42.01 0.64 8.41
CA ALA B 57 -40.58 0.50 8.56
C ALA B 57 -40.04 1.49 9.59
N VAL B 58 -39.04 1.04 10.34
CA VAL B 58 -38.28 1.91 11.21
C VAL B 58 -36.82 1.89 10.72
N ASP B 59 -36.32 3.07 10.39
CA ASP B 59 -34.99 3.25 9.87
C ASP B 59 -33.94 2.74 10.86
N HIS B 60 -32.87 2.12 10.35
CA HIS B 60 -31.83 1.58 11.21
C HIS B 60 -31.10 2.68 12.01
N ARG B 61 -31.13 3.92 11.55
CA ARG B 61 -30.58 5.02 12.33
C ARG B 61 -31.26 5.16 13.70
N ILE B 62 -32.53 4.82 13.78
CA ILE B 62 -33.25 4.80 15.06
C ILE B 62 -32.66 3.73 15.97
N ASP B 63 -32.41 2.55 15.42
CA ASP B 63 -31.76 1.48 16.18
C ASP B 63 -30.42 1.94 16.73
N ARG B 64 -29.66 2.67 15.94
CA ARG B 64 -28.33 3.12 16.35
C ARG B 64 -28.43 4.15 17.46
N LEU B 65 -29.46 5.00 17.38
CA LEU B 65 -29.70 5.96 18.45
C LEU B 65 -30.01 5.25 19.76
N VAL B 66 -30.86 4.24 19.70
CA VAL B 66 -31.24 3.49 20.89
C VAL B 66 -30.04 2.76 21.50
N THR B 67 -29.25 2.07 20.67
CA THR B 67 -28.12 1.31 21.24
C THR B 67 -27.09 2.26 21.78
N GLY B 68 -26.85 3.39 21.12
CA GLY B 68 -25.93 4.36 21.62
C GLY B 68 -26.38 4.97 22.93
N ASN B 69 -27.67 5.24 23.06
CA ASN B 69 -28.22 5.81 24.29
C ASN B 69 -28.02 4.85 25.45
N LEU B 70 -28.37 3.59 25.24
CA LEU B 70 -28.24 2.59 26.29
C LEU B 70 -26.77 2.44 26.70
N PHE B 71 -25.88 2.34 25.72
CA PHE B 71 -24.46 2.13 25.97
C PHE B 71 -23.88 3.34 26.71
N ALA B 72 -24.33 4.54 26.37
CA ALA B 72 -23.85 5.74 27.03
C ALA B 72 -24.13 5.75 28.52
N THR B 73 -25.14 4.98 28.96
CA THR B 73 -25.52 4.92 30.37
C THR B 73 -24.97 3.68 31.09
N ILE B 74 -24.16 2.89 30.42
CA ILE B 74 -23.50 1.77 31.08
C ILE B 74 -22.45 2.32 32.04
N THR B 75 -22.21 1.60 33.12
CA THR B 75 -21.21 2.01 34.10
C THR B 75 -19.87 2.31 33.44
N ASN B 76 -19.30 3.46 33.80
CA ASN B 76 -17.99 3.90 33.35
C ASN B 76 -17.92 4.16 31.85
N ALA B 77 -19.03 4.52 31.23
CA ALA B 77 -19.03 4.88 29.82
C ALA B 77 -18.99 6.37 29.60
N ASN B 78 -19.91 7.12 30.21
CA ASN B 78 -20.04 8.53 29.84
C ASN B 78 -20.45 9.35 31.04
N PHE B 79 -19.57 10.26 31.42
CA PHE B 79 -19.77 11.17 32.54
C PHE B 79 -19.98 12.61 32.06
N ASP B 80 -20.13 12.80 30.76
CA ASP B 80 -20.13 14.12 30.12
C ASP B 80 -21.58 14.63 29.99
N ASP B 81 -21.96 15.55 30.86
CA ASP B 81 -23.33 16.03 30.94
C ASP B 81 -23.80 16.69 29.65
N ASP B 82 -22.92 17.43 28.99
CA ASP B 82 -23.31 18.08 27.74
C ASP B 82 -23.64 17.07 26.66
N ILE B 83 -22.85 16.00 26.57
CA ILE B 83 -23.09 14.94 25.60
C ILE B 83 -24.39 14.21 25.92
N LEU B 84 -24.61 13.92 27.20
CA LEU B 84 -25.81 13.22 27.61
C LEU B 84 -27.07 14.04 27.34
N ALA B 85 -27.00 15.33 27.64
CA ALA B 85 -28.11 16.22 27.37
C ALA B 85 -28.39 16.30 25.87
N GLU B 86 -27.34 16.30 25.05
CA GLU B 86 -27.53 16.32 23.61
C GLU B 86 -28.18 15.04 23.12
N ARG B 87 -27.84 13.90 23.71
CA ARG B 87 -28.49 12.66 23.32
C ARG B 87 -29.97 12.70 23.68
N VAL B 88 -30.32 13.31 24.81
CA VAL B 88 -31.72 13.50 25.14
C VAL B 88 -32.43 14.33 24.05
N ARG B 89 -31.81 15.42 23.61
CA ARG B 89 -32.39 16.25 22.55
C ARG B 89 -32.58 15.48 21.25
N MET B 90 -31.56 14.74 20.86
CA MET B 90 -31.62 13.94 19.63
C MET B 90 -32.74 12.93 19.70
N THR B 91 -32.91 12.33 20.87
CA THR B 91 -33.92 11.29 21.06
C THR B 91 -35.32 11.89 21.03
N CYS B 92 -35.48 13.05 21.65
CA CYS B 92 -36.78 13.73 21.61
C CYS B 92 -37.15 14.12 20.18
N ALA B 93 -36.19 14.61 19.42
CA ALA B 93 -36.44 14.97 18.03
C ALA B 93 -36.83 13.73 17.22
N ALA B 94 -36.11 12.63 17.44
CA ALA B 94 -36.35 11.41 16.69
C ALA B 94 -37.72 10.83 16.98
N LYS B 95 -38.12 10.82 18.24
CA LYS B 95 -39.37 10.19 18.58
C LYS B 95 -40.58 11.05 18.17
N LYS B 96 -40.42 12.38 18.17
CA LYS B 96 -41.45 13.27 17.63
C LYS B 96 -41.70 12.98 16.15
N GLU B 97 -40.61 12.84 15.40
CA GLU B 97 -40.70 12.54 13.97
C GLU B 97 -41.36 11.19 13.72
N LEU B 98 -40.98 10.17 14.49
CA LEU B 98 -41.54 8.83 14.31
C LEU B 98 -43.03 8.79 14.63
N ALA B 99 -43.42 9.47 15.70
CA ALA B 99 -44.80 9.43 16.15
C ALA B 99 -45.74 10.00 15.09
N ALA B 100 -45.24 10.93 14.29
CA ALA B 100 -46.03 11.52 13.21
C ALA B 100 -46.46 10.49 12.18
N SER B 101 -45.68 9.41 12.03
CA SER B 101 -45.99 8.34 11.09
C SER B 101 -47.01 7.32 11.60
N LEU B 102 -47.39 7.40 12.87
CA LEU B 102 -48.39 6.49 13.43
C LEU B 102 -49.78 6.79 12.89
N THR B 103 -50.49 5.73 12.50
CA THR B 103 -51.89 5.89 12.08
C THR B 103 -52.78 6.09 13.31
N ASP B 104 -52.54 5.30 14.34
CA ASP B 104 -53.23 5.42 15.62
C ASP B 104 -52.23 6.00 16.63
N LYS B 105 -52.46 7.25 17.01
CA LYS B 105 -51.59 7.98 17.95
C LYS B 105 -52.14 8.00 19.36
N SER B 106 -53.25 7.31 19.59
CA SER B 106 -53.93 7.33 20.87
C SER B 106 -53.12 6.67 21.97
N GLY B 107 -53.24 7.19 23.18
CA GLY B 107 -52.65 6.57 24.35
C GLY B 107 -51.14 6.51 24.35
N LEU B 108 -50.47 7.46 23.70
CA LEU B 108 -49.02 7.56 23.79
C LEU B 108 -48.64 8.00 25.21
N SER B 109 -47.65 7.32 25.77
CA SER B 109 -47.23 7.56 27.16
C SER B 109 -46.54 8.90 27.32
N ASP B 110 -46.30 9.29 28.57
CA ASP B 110 -45.54 10.51 28.81
C ASP B 110 -44.10 10.37 28.32
N ALA B 111 -43.52 9.18 28.42
CA ALA B 111 -42.16 8.97 27.91
C ALA B 111 -42.12 9.22 26.41
N ALA B 112 -43.17 8.81 25.71
CA ALA B 112 -43.27 8.99 24.27
C ALA B 112 -43.45 10.45 23.88
N LEU B 113 -44.17 11.20 24.71
CA LEU B 113 -44.55 12.58 24.39
C LEU B 113 -43.64 13.64 25.01
N TRP B 114 -42.96 13.31 26.11
CA TRP B 114 -42.22 14.33 26.84
C TRP B 114 -41.00 14.77 26.07
N GLU B 115 -40.72 16.06 26.12
CA GLU B 115 -39.48 16.57 25.57
C GLU B 115 -38.99 17.78 26.35
N ALA B 116 -37.70 18.01 26.26
CA ALA B 116 -37.07 19.19 26.84
C ALA B 116 -35.78 19.43 26.07
N SER B 117 -35.44 20.70 25.94
CA SER B 117 -34.15 21.07 25.37
C SER B 117 -33.22 21.71 26.38
N GLU B 118 -33.77 22.28 27.45
CA GLU B 118 -32.94 22.88 28.49
C GLU B 118 -32.49 21.78 29.44
N LYS B 119 -31.19 21.74 29.72
CA LYS B 119 -30.63 20.75 30.63
C LYS B 119 -31.33 20.80 31.99
N SER B 120 -31.61 22.01 32.48
CA SER B 120 -32.28 22.18 33.77
C SER B 120 -33.63 21.46 33.80
N ALA B 121 -34.37 21.51 32.69
CA ALA B 121 -35.66 20.84 32.58
C ALA B 121 -35.49 19.32 32.57
N MET B 122 -34.41 18.84 31.95
CA MET B 122 -34.11 17.41 31.98
C MET B 122 -33.84 16.94 33.39
N LEU B 123 -33.05 17.72 34.12
CA LEU B 123 -32.71 17.40 35.50
C LEU B 123 -33.96 17.37 36.37
N ALA B 124 -34.86 18.32 36.16
CA ALA B 124 -36.08 18.40 36.96
C ALA B 124 -37.02 17.22 36.68
N LYS B 125 -37.06 16.78 35.42
CA LYS B 125 -37.88 15.64 35.04
C LYS B 125 -37.33 14.35 35.64
N ALA B 126 -36.01 14.23 35.72
CA ALA B 126 -35.36 12.97 36.07
C ALA B 126 -35.86 12.41 37.40
N GLY B 127 -36.14 13.30 38.35
CA GLY B 127 -36.53 12.90 39.68
C GLY B 127 -37.78 12.04 39.75
N THR B 128 -38.66 12.15 38.75
CA THR B 128 -39.91 11.39 38.72
C THR B 128 -39.93 10.24 37.73
N VAL B 129 -38.81 9.98 37.05
CA VAL B 129 -38.78 8.96 35.99
C VAL B 129 -37.63 7.98 36.16
N GLY B 130 -37.01 7.97 37.32
CA GLY B 130 -35.92 7.05 37.61
C GLY B 130 -36.39 5.73 38.17
N VAL B 131 -35.44 5.02 38.77
CA VAL B 131 -35.69 3.69 39.33
C VAL B 131 -36.88 3.70 40.28
N MET B 132 -36.92 4.68 41.17
CA MET B 132 -37.93 4.70 42.23
C MET B 132 -39.32 5.14 41.77
N ALA B 133 -39.47 5.47 40.49
CA ALA B 133 -40.78 5.80 39.92
C ALA B 133 -41.72 4.60 39.90
N THR B 134 -41.18 3.38 39.90
CA THR B 134 -42.01 2.17 39.97
C THR B 134 -42.28 1.83 41.42
N THR B 135 -43.55 1.85 41.81
CA THR B 135 -43.91 1.69 43.22
C THR B 135 -43.76 0.26 43.72
N ASP B 136 -44.16 -0.71 42.90
CA ASP B 136 -44.13 -2.11 43.30
C ASP B 136 -42.71 -2.64 43.29
N ASP B 137 -42.29 -3.28 44.37
CA ASP B 137 -40.90 -3.71 44.53
C ASP B 137 -40.48 -4.76 43.50
N ASP B 138 -41.35 -5.70 43.19
CA ASP B 138 -41.01 -6.76 42.25
C ASP B 138 -41.02 -6.28 40.81
N VAL B 139 -42.02 -5.47 40.45
CA VAL B 139 -42.04 -4.87 39.13
C VAL B 139 -40.83 -3.97 38.96
N ARG B 140 -40.47 -3.20 39.99
CA ARG B 140 -39.29 -2.36 39.92
C ARG B 140 -38.03 -3.19 39.65
N SER B 141 -37.85 -4.23 40.42
CA SER B 141 -36.69 -5.09 40.28
C SER B 141 -36.58 -5.69 38.88
N LEU B 142 -37.68 -6.22 38.37
CA LEU B 142 -37.67 -6.86 37.06
C LEU B 142 -37.50 -5.85 35.94
N ARG B 143 -38.16 -4.71 36.02
CA ARG B 143 -38.01 -3.68 35.00
C ARG B 143 -36.55 -3.28 34.86
N TRP B 144 -35.87 -3.13 35.98
CA TRP B 144 -34.50 -2.63 35.93
C TRP B 144 -33.50 -3.74 35.63
N LEU B 145 -33.76 -4.95 36.10
CA LEU B 145 -32.99 -6.11 35.64
C LEU B 145 -33.03 -6.21 34.12
N ILE B 146 -34.24 -6.09 33.56
CA ILE B 146 -34.39 -6.17 32.11
C ILE B 146 -33.69 -4.99 31.45
N THR B 147 -33.88 -3.79 31.98
CA THR B 147 -33.23 -2.62 31.41
C THR B 147 -31.71 -2.80 31.37
N PHE B 148 -31.14 -3.29 32.46
CA PHE B 148 -29.70 -3.47 32.53
C PHE B 148 -29.24 -4.57 31.56
N GLY B 149 -30.00 -5.64 31.44
CA GLY B 149 -29.72 -6.66 30.42
C GLY B 149 -29.75 -6.07 29.02
N LEU B 150 -30.72 -5.19 28.77
CA LEU B 150 -30.84 -4.55 27.47
C LEU B 150 -29.66 -3.64 27.18
N LYS B 151 -29.10 -3.00 28.21
CA LYS B 151 -27.91 -2.19 28.02
C LYS B 151 -26.75 -3.06 27.54
N GLY B 152 -26.57 -4.21 28.18
CA GLY B 152 -25.50 -5.12 27.78
C GLY B 152 -25.69 -5.63 26.36
N MET B 153 -26.93 -5.99 26.07
CA MET B 153 -27.30 -6.47 24.74
C MET B 153 -27.01 -5.40 23.69
N ALA B 154 -27.35 -4.16 24.01
CA ALA B 154 -27.13 -3.03 23.14
C ALA B 154 -25.66 -2.81 22.87
N ALA B 155 -24.83 -2.98 23.88
CA ALA B 155 -23.40 -2.79 23.70
C ALA B 155 -22.88 -3.79 22.68
N TYR B 156 -23.24 -5.06 22.83
CA TYR B 156 -22.75 -6.07 21.91
C TYR B 156 -23.33 -5.88 20.51
N ALA B 157 -24.60 -5.53 20.44
CA ALA B 157 -25.25 -5.24 19.15
C ALA B 157 -24.55 -4.07 18.47
N LYS B 158 -24.16 -3.07 19.24
CA LYS B 158 -23.53 -1.90 18.65
C LYS B 158 -22.16 -2.25 18.07
N HIS B 159 -21.37 -3.07 18.77
CA HIS B 159 -20.10 -3.50 18.22
C HIS B 159 -20.27 -4.29 16.92
N ALA B 160 -21.29 -5.14 16.87
CA ALA B 160 -21.57 -5.88 15.64
C ALA B 160 -21.93 -4.92 14.52
N ASP B 161 -22.72 -3.91 14.84
CA ASP B 161 -23.17 -2.91 13.89
C ASP B 161 -22.01 -2.10 13.34
N VAL B 162 -21.06 -1.76 14.20
CA VAL B 162 -19.83 -1.07 13.81
C VAL B 162 -19.09 -1.85 12.71
N LEU B 163 -19.19 -3.18 12.77
CA LEU B 163 -18.57 -4.07 11.80
C LEU B 163 -19.51 -4.48 10.66
N GLY B 164 -20.66 -3.83 10.57
CA GLY B 164 -21.57 -3.99 9.44
C GLY B 164 -22.65 -5.03 9.62
N LYS B 165 -22.81 -5.56 10.83
CA LYS B 165 -23.76 -6.64 11.07
C LYS B 165 -24.88 -6.20 12.00
N HIS B 166 -26.11 -6.31 11.54
CA HIS B 166 -27.26 -6.04 12.39
C HIS B 166 -28.43 -6.87 11.91
N GLU B 167 -29.30 -7.19 12.86
CA GLU B 167 -30.47 -8.03 12.62
C GLU B 167 -31.70 -7.28 13.07
N ASN B 168 -32.69 -7.14 12.18
CA ASN B 168 -33.92 -6.43 12.52
C ASN B 168 -34.61 -7.04 13.74
N SER B 169 -34.61 -8.36 13.85
CA SER B 169 -35.28 -9.03 14.97
C SER B 169 -34.66 -8.60 16.31
N LEU B 170 -33.35 -8.40 16.32
CA LEU B 170 -32.65 -8.00 17.54
C LEU B 170 -32.98 -6.57 17.91
N ASP B 171 -32.90 -5.65 16.96
CA ASP B 171 -33.24 -4.26 17.26
C ASP B 171 -34.73 -4.10 17.59
N ALA B 172 -35.59 -4.84 16.90
CA ALA B 172 -37.03 -4.82 17.18
C ALA B 172 -37.30 -5.32 18.60
N PHE B 173 -36.66 -6.41 18.99
CA PHE B 173 -36.86 -6.93 20.35
C PHE B 173 -36.40 -5.93 21.39
N MET B 174 -35.21 -5.36 21.22
CA MET B 174 -34.68 -4.43 22.20
C MET B 174 -35.66 -3.29 22.43
N GLN B 175 -36.22 -2.78 21.35
CA GLN B 175 -37.13 -1.64 21.44
C GLN B 175 -38.49 -2.02 22.03
N GLU B 176 -38.96 -3.23 21.74
CA GLU B 176 -40.20 -3.74 22.31
C GLU B 176 -40.04 -3.99 23.81
N ALA B 177 -38.91 -4.57 24.21
CA ALA B 177 -38.65 -4.85 25.62
C ALA B 177 -38.54 -3.55 26.40
N LEU B 178 -37.86 -2.57 25.84
CA LEU B 178 -37.81 -1.25 26.47
C LEU B 178 -39.23 -0.72 26.67
N ALA B 179 -40.06 -0.81 25.64
CA ALA B 179 -41.44 -0.34 25.74
C ALA B 179 -42.21 -1.07 26.84
N LYS B 180 -41.98 -2.37 26.96
CA LYS B 180 -42.68 -3.16 27.94
C LYS B 180 -42.31 -2.80 29.37
N THR B 181 -41.09 -2.29 29.58
CA THR B 181 -40.71 -1.87 30.93
C THR B 181 -41.45 -0.61 31.38
N LEU B 182 -42.22 0.02 30.49
CA LEU B 182 -43.08 1.15 30.87
C LEU B 182 -44.57 0.78 30.93
N ASP B 183 -44.88 -0.47 30.60
CA ASP B 183 -46.26 -0.93 30.55
C ASP B 183 -46.71 -1.40 31.94
N ASP B 184 -47.58 -0.65 32.58
CA ASP B 184 -48.01 -0.95 33.96
C ASP B 184 -48.91 -2.17 34.05
N SER B 185 -49.42 -2.65 32.92
CA SER B 185 -50.33 -3.79 32.90
C SER B 185 -49.62 -5.15 32.98
N LEU B 186 -48.31 -5.18 32.77
CA LEU B 186 -47.59 -6.45 32.78
C LEU B 186 -47.50 -7.00 34.20
N SER B 187 -47.79 -8.28 34.34
CA SER B 187 -47.67 -8.97 35.61
C SER B 187 -46.21 -9.31 35.90
N VAL B 188 -45.94 -9.69 37.14
CA VAL B 188 -44.62 -10.17 37.51
C VAL B 188 -44.27 -11.38 36.64
N ALA B 189 -45.22 -12.28 36.39
CA ALA B 189 -44.95 -13.45 35.55
C ALA B 189 -44.58 -13.03 34.12
N ASP B 190 -45.26 -12.02 33.59
CA ASP B 190 -44.94 -11.47 32.26
C ASP B 190 -43.50 -10.98 32.25
N LEU B 191 -43.10 -10.30 33.32
CA LEU B 191 -41.76 -9.72 33.40
C LEU B 191 -40.67 -10.76 33.63
N VAL B 192 -40.96 -11.84 34.35
CA VAL B 192 -40.02 -12.94 34.44
C VAL B 192 -39.82 -13.56 33.06
N ALA B 193 -40.90 -13.76 32.32
CA ALA B 193 -40.79 -14.29 30.96
C ALA B 193 -39.97 -13.35 30.08
N LEU B 194 -40.19 -12.05 30.23
CA LEU B 194 -39.45 -11.08 29.43
C LEU B 194 -37.97 -11.08 29.78
N THR B 195 -37.65 -11.37 31.04
CA THR B 195 -36.26 -11.47 31.49
C THR B 195 -35.56 -12.61 30.76
N LEU B 196 -36.24 -13.74 30.64
CA LEU B 196 -35.65 -14.88 29.95
C LEU B 196 -35.59 -14.66 28.44
N GLU B 197 -36.58 -13.98 27.86
CA GLU B 197 -36.53 -13.60 26.44
C GLU B 197 -35.36 -12.66 26.20
N THR B 198 -35.11 -11.76 27.13
CA THR B 198 -33.96 -10.86 27.06
C THR B 198 -32.66 -11.69 27.02
N GLY B 199 -32.58 -12.72 27.84
CA GLY B 199 -31.45 -13.62 27.82
C GLY B 199 -31.26 -14.27 26.46
N LYS B 200 -32.35 -14.72 25.85
CA LYS B 200 -32.30 -15.38 24.54
C LYS B 200 -31.76 -14.43 23.48
N PHE B 201 -32.24 -13.19 23.47
CA PHE B 201 -31.73 -12.21 22.52
C PHE B 201 -30.31 -11.78 22.90
N GLY B 202 -29.94 -11.91 24.17
CA GLY B 202 -28.55 -11.74 24.57
C GLY B 202 -27.64 -12.73 23.86
N VAL B 203 -28.05 -13.99 23.82
CA VAL B 203 -27.33 -15.00 23.04
C VAL B 203 -27.23 -14.56 21.57
N SER B 204 -28.35 -14.10 21.00
CA SER B 204 -28.35 -13.66 19.61
C SER B 204 -27.37 -12.53 19.38
N ALA B 205 -27.34 -11.55 20.28
CA ALA B 205 -26.44 -10.42 20.14
C ALA B 205 -24.98 -10.87 20.26
N MET B 206 -24.70 -11.77 21.19
CA MET B 206 -23.34 -12.29 21.35
C MET B 206 -22.91 -13.10 20.13
N ALA B 207 -23.85 -13.85 19.55
CA ALA B 207 -23.60 -14.65 18.36
C ALA B 207 -23.30 -13.75 17.18
N LEU B 208 -24.06 -12.67 17.06
CA LEU B 208 -23.88 -11.72 15.98
C LEU B 208 -22.53 -11.03 16.08
N LEU B 209 -22.16 -10.65 17.29
CA LEU B 209 -20.85 -10.01 17.53
C LEU B 209 -19.69 -10.98 17.26
N ASP B 210 -19.85 -12.23 17.68
CA ASP B 210 -18.84 -13.24 17.44
C ASP B 210 -18.63 -13.40 15.92
N ALA B 211 -19.72 -13.45 15.17
CA ALA B 211 -19.65 -13.58 13.72
C ALA B 211 -19.01 -12.34 13.10
N ALA B 212 -19.32 -11.17 13.63
CA ALA B 212 -18.76 -9.93 13.10
C ALA B 212 -17.26 -9.85 13.35
N ASN B 213 -16.85 -10.13 14.59
CA ASN B 213 -15.44 -10.08 14.95
C ASN B 213 -14.62 -11.10 14.18
N THR B 214 -15.05 -12.35 14.17
CA THR B 214 -14.28 -13.39 13.50
C THR B 214 -14.34 -13.29 11.97
N GLY B 215 -15.49 -12.87 11.45
CA GLY B 215 -15.65 -12.69 10.02
C GLY B 215 -14.77 -11.57 9.51
N THR B 216 -14.53 -10.55 10.32
CA THR B 216 -13.72 -9.43 9.92
C THR B 216 -12.23 -9.65 10.16
N TYR B 217 -11.88 -10.22 11.33
CA TYR B 217 -10.49 -10.25 11.78
C TYR B 217 -9.93 -11.65 11.93
N GLY B 218 -10.71 -12.66 11.56
CA GLY B 218 -10.31 -14.05 11.69
C GLY B 218 -10.72 -14.66 13.00
N HIS B 219 -10.63 -15.98 13.08
CA HIS B 219 -10.86 -16.67 14.32
C HIS B 219 -9.66 -16.54 15.26
N PRO B 220 -9.89 -16.15 16.51
CA PRO B 220 -8.79 -16.13 17.47
C PRO B 220 -8.01 -17.43 17.50
N GLU B 221 -6.72 -17.31 17.75
CA GLU B 221 -5.83 -18.45 17.81
C GLU B 221 -4.87 -18.27 18.97
N ILE B 222 -4.25 -19.38 19.38
CA ILE B 222 -3.35 -19.36 20.52
C ILE B 222 -2.24 -18.36 20.25
N THR B 223 -2.01 -17.51 21.23
CA THR B 223 -1.12 -16.37 21.09
C THR B 223 -0.44 -16.11 22.42
N LYS B 224 0.86 -15.84 22.38
CA LYS B 224 1.60 -15.35 23.52
C LYS B 224 1.70 -13.84 23.38
N VAL B 225 1.26 -13.12 24.40
CA VAL B 225 1.21 -11.67 24.40
C VAL B 225 2.25 -11.13 25.38
N ASN B 226 3.12 -10.27 24.90
CA ASN B 226 4.12 -9.63 25.74
C ASN B 226 3.44 -8.65 26.69
N ILE B 227 3.80 -8.67 27.97
CA ILE B 227 3.30 -7.69 28.91
C ILE B 227 4.36 -6.67 29.34
N GLY B 228 5.57 -6.83 28.80
CA GLY B 228 6.61 -5.83 28.90
C GLY B 228 6.40 -4.80 27.82
N VAL B 229 7.34 -3.86 27.71
CA VAL B 229 7.22 -2.73 26.80
C VAL B 229 8.43 -2.58 25.90
N GLY B 230 8.22 -1.83 24.83
CA GLY B 230 9.30 -1.42 23.94
C GLY B 230 9.79 -0.03 24.27
N SER B 231 10.55 0.54 23.34
CA SER B 231 11.28 1.78 23.56
C SER B 231 10.72 2.96 22.76
N ASN B 232 9.64 2.73 22.00
CA ASN B 232 9.00 3.80 21.25
C ASN B 232 7.81 4.39 22.02
N PRO B 233 7.48 5.65 21.75
CA PRO B 233 6.23 6.19 22.27
C PRO B 233 5.07 5.35 21.77
N GLY B 234 4.02 5.26 22.57
CA GLY B 234 2.89 4.43 22.24
C GLY B 234 1.55 5.09 22.48
N ILE B 235 0.54 4.46 21.91
CA ILE B 235 -0.85 4.74 22.26
C ILE B 235 -1.41 3.49 22.88
N LEU B 236 -2.11 3.65 24.00
CA LEU B 236 -2.73 2.55 24.71
C LEU B 236 -4.21 2.56 24.37
N ILE B 237 -4.70 1.51 23.74
CA ILE B 237 -6.12 1.43 23.39
C ILE B 237 -6.83 0.51 24.38
N SER B 238 -7.96 0.99 24.89
CA SER B 238 -8.69 0.33 25.95
C SER B 238 -10.13 0.17 25.52
N GLY B 239 -10.88 -0.62 26.28
CA GLY B 239 -12.27 -0.90 25.95
C GLY B 239 -12.38 -2.17 25.13
N HIS B 240 -13.29 -2.17 24.16
CA HIS B 240 -13.62 -3.39 23.43
C HIS B 240 -13.62 -3.30 21.91
N ASP B 241 -13.60 -2.11 21.33
CA ASP B 241 -13.89 -2.01 19.91
C ASP B 241 -12.71 -2.36 18.98
N LEU B 242 -12.83 -3.48 18.29
CA LEU B 242 -11.77 -3.96 17.41
C LEU B 242 -11.63 -3.13 16.14
N ARG B 243 -12.71 -2.53 15.68
CA ARG B 243 -12.65 -1.71 14.47
C ARG B 243 -11.85 -0.44 14.72
N ASP B 244 -11.99 0.13 15.91
CA ASP B 244 -11.15 1.27 16.30
C ASP B 244 -9.68 0.89 16.26
N LEU B 245 -9.36 -0.30 16.77
CA LEU B 245 -7.99 -0.77 16.72
C LEU B 245 -7.49 -0.93 15.29
N GLU B 246 -8.31 -1.50 14.42
CA GLU B 246 -7.90 -1.69 13.03
C GLU B 246 -7.50 -0.36 12.42
N MET B 247 -8.35 0.65 12.59
CA MET B 247 -8.07 1.95 12.01
C MET B 247 -6.83 2.57 12.65
N LEU B 248 -6.67 2.40 13.96
CA LEU B 248 -5.53 2.96 14.65
C LEU B 248 -4.23 2.31 14.18
N LEU B 249 -4.24 0.99 14.02
CA LEU B 249 -3.06 0.28 13.53
C LEU B 249 -2.68 0.70 12.12
N LYS B 250 -3.67 0.86 11.25
CA LYS B 250 -3.41 1.28 9.89
C LYS B 250 -2.83 2.68 9.85
N GLN B 251 -3.35 3.58 10.69
CA GLN B 251 -2.90 4.96 10.69
C GLN B 251 -1.56 5.15 11.41
N THR B 252 -1.18 4.24 12.31
CA THR B 252 0.11 4.33 12.98
C THR B 252 1.23 3.66 12.17
N GLU B 253 0.88 2.95 11.11
CA GLU B 253 1.87 2.35 10.23
C GLU B 253 2.85 3.40 9.72
N GLY B 254 4.13 3.17 9.94
CA GLY B 254 5.18 4.08 9.47
C GLY B 254 5.41 5.32 10.31
N THR B 255 4.75 5.47 11.46
CA THR B 255 4.81 6.70 12.23
C THR B 255 5.85 6.68 13.34
N GLY B 256 6.34 5.50 13.71
CA GLY B 256 7.20 5.35 14.87
C GLY B 256 6.44 5.30 16.19
N VAL B 257 5.11 5.28 16.12
CA VAL B 257 4.26 5.14 17.30
C VAL B 257 3.75 3.71 17.35
N ASP B 258 4.01 3.08 18.49
CA ASP B 258 3.54 1.72 18.77
C ASP B 258 2.14 1.76 19.34
N VAL B 259 1.45 0.63 19.25
CA VAL B 259 0.13 0.48 19.83
C VAL B 259 0.12 -0.66 20.82
N TYR B 260 -0.40 -0.39 22.01
CA TYR B 260 -0.55 -1.34 23.08
C TYR B 260 -2.02 -1.49 23.42
N THR B 261 -2.41 -2.65 23.94
CA THR B 261 -3.76 -2.84 24.44
C THR B 261 -3.83 -2.76 25.95
N HIS B 262 -5.05 -2.53 26.43
CA HIS B 262 -5.36 -2.43 27.84
C HIS B 262 -6.71 -3.08 28.13
N SER B 263 -6.74 -3.82 29.23
CA SER B 263 -7.94 -4.38 29.82
C SER B 263 -8.68 -5.26 28.81
N GLU B 264 -9.82 -4.83 28.29
CA GLU B 264 -10.59 -5.64 27.36
C GLU B 264 -10.14 -5.58 25.90
N MET B 265 -9.06 -4.86 25.62
CA MET B 265 -8.45 -4.94 24.29
C MET B 265 -7.39 -6.02 24.17
N LEU B 266 -7.00 -6.64 25.30
CA LEU B 266 -6.05 -7.74 25.25
C LEU B 266 -6.37 -8.77 24.16
N PRO B 267 -7.61 -9.23 24.03
CA PRO B 267 -7.92 -10.27 23.05
C PRO B 267 -7.70 -9.86 21.61
N ALA B 268 -7.57 -8.59 21.30
CA ALA B 268 -7.21 -8.22 19.94
C ALA B 268 -5.96 -8.94 19.47
N HIS B 269 -5.03 -9.23 20.37
CA HIS B 269 -3.80 -9.93 20.03
C HIS B 269 -4.02 -11.31 19.49
N TYR B 270 -5.17 -11.88 19.80
CA TYR B 270 -5.48 -13.25 19.42
C TYR B 270 -5.96 -13.39 17.99
N TYR B 271 -6.32 -12.28 17.36
CA TYR B 271 -6.94 -12.32 16.04
C TYR B 271 -5.88 -12.30 14.94
N PRO B 272 -5.99 -13.21 13.98
CA PRO B 272 -5.04 -13.26 12.85
C PRO B 272 -4.81 -11.91 12.18
N ALA B 273 -5.86 -11.12 11.98
CA ALA B 273 -5.75 -9.88 11.21
C ALA B 273 -4.76 -8.90 11.82
N PHE B 274 -4.62 -8.90 13.15
CA PHE B 274 -3.79 -7.91 13.82
C PHE B 274 -2.35 -8.34 14.00
N LYS B 275 -2.06 -9.59 13.70
CA LYS B 275 -0.70 -10.13 13.86
C LYS B 275 0.28 -9.63 12.80
N LYS B 276 -0.23 -9.11 11.68
CA LYS B 276 0.63 -8.62 10.60
C LYS B 276 1.28 -7.29 10.91
N TYR B 277 0.83 -6.59 11.97
CA TYR B 277 1.34 -5.25 12.28
C TYR B 277 2.50 -5.33 13.27
N ALA B 278 3.71 -4.99 12.80
CA ALA B 278 4.89 -5.10 13.62
C ALA B 278 4.90 -4.11 14.79
N HIS B 279 4.18 -3.01 14.63
CA HIS B 279 4.11 -1.97 15.68
C HIS B 279 3.00 -2.20 16.69
N PHE B 280 2.28 -3.30 16.56
CA PHE B 280 1.31 -3.72 17.56
C PHE B 280 2.07 -4.48 18.62
N LYS B 281 2.28 -3.85 19.76
CA LYS B 281 3.14 -4.39 20.78
C LYS B 281 2.25 -5.18 21.75
N GLY B 282 2.45 -5.02 23.04
CA GLY B 282 1.87 -5.94 24.00
C GLY B 282 0.60 -5.44 24.63
N ASN B 283 0.28 -6.07 25.76
CA ASN B 283 -0.81 -5.65 26.63
C ASN B 283 -0.20 -5.06 27.87
N TYR B 284 -0.64 -3.85 28.21
CA TYR B 284 -0.07 -3.07 29.29
C TYR B 284 -1.02 -3.02 30.47
N GLY B 285 -0.56 -3.49 31.64
CA GLY B 285 -1.33 -3.37 32.85
C GLY B 285 -2.31 -4.49 33.07
N ASN B 286 -3.40 -4.16 33.73
CA ASN B 286 -4.35 -5.14 34.22
C ASN B 286 -5.77 -4.70 33.91
N ALA B 287 -6.73 -4.98 34.78
CA ALA B 287 -8.10 -4.63 34.48
C ALA B 287 -8.32 -3.14 34.65
N TRP B 288 -9.47 -2.69 34.14
CA TRP B 288 -9.85 -1.28 34.08
C TRP B 288 -9.59 -0.50 35.37
N TRP B 289 -9.84 -1.12 36.52
CA TRP B 289 -9.92 -0.37 37.77
C TRP B 289 -8.55 0.09 38.28
N LYS B 290 -7.47 -0.46 37.73
CA LYS B 290 -6.12 0.00 38.05
C LYS B 290 -5.66 1.15 37.15
N GLN B 291 -6.55 1.73 36.36
CA GLN B 291 -6.10 2.61 35.30
C GLN B 291 -5.59 3.96 35.78
N LYS B 292 -5.99 4.42 36.96
CA LYS B 292 -5.46 5.71 37.43
C LYS B 292 -3.93 5.61 37.61
N GLU B 293 -3.44 4.44 37.96
CA GLU B 293 -2.00 4.19 38.08
C GLU B 293 -1.42 3.82 36.72
N GLU B 294 -2.08 2.92 36.00
CA GLU B 294 -1.48 2.35 34.79
C GLU B 294 -1.54 3.29 33.59
N PHE B 295 -2.63 4.06 33.45
CA PHE B 295 -2.66 5.07 32.39
C PHE B 295 -1.58 6.11 32.63
N GLU B 296 -1.32 6.43 33.90
CA GLU B 296 -0.27 7.39 34.23
C GLU B 296 1.10 6.87 33.77
N SER B 297 1.44 5.65 34.17
CA SER B 297 2.77 5.11 33.90
C SER B 297 2.98 4.72 32.44
N PHE B 298 1.91 4.59 31.67
CA PHE B 298 2.03 4.31 30.25
C PHE B 298 2.70 5.46 29.50
N ASN B 299 2.53 6.68 30.00
CA ASN B 299 3.18 7.90 29.51
C ASN B 299 2.63 8.47 28.21
N GLY B 300 2.15 7.63 27.32
CA GLY B 300 1.60 8.08 26.05
C GLY B 300 0.09 8.24 26.12
N PRO B 301 -0.54 8.68 25.03
CA PRO B 301 -1.98 8.83 24.99
C PRO B 301 -2.69 7.51 25.20
N VAL B 302 -3.90 7.61 25.75
CA VAL B 302 -4.78 6.48 25.97
C VAL B 302 -6.11 6.75 25.26
N LEU B 303 -6.58 5.75 24.50
CA LEU B 303 -7.81 5.84 23.74
C LEU B 303 -8.82 4.88 24.34
N LEU B 304 -9.93 5.41 24.85
CA LEU B 304 -11.00 4.60 25.40
C LEU B 304 -12.08 4.41 24.35
N THR B 305 -12.25 3.18 23.90
CA THR B 305 -13.22 2.89 22.85
C THR B 305 -14.61 2.59 23.38
N THR B 306 -14.67 2.14 24.63
CA THR B 306 -15.91 1.84 25.35
C THR B 306 -15.60 2.07 26.83
N ASN B 307 -16.55 1.70 27.69
CA ASN B 307 -16.25 1.54 29.09
C ASN B 307 -15.16 0.46 29.26
N CYS B 308 -14.41 0.42 30.36
CA CYS B 308 -14.57 1.30 31.52
C CYS B 308 -13.54 2.41 31.56
N LEU B 309 -14.04 3.64 31.60
CA LEU B 309 -13.26 4.83 31.90
C LEU B 309 -13.58 5.24 33.32
N VAL B 310 -12.55 5.48 34.12
CA VAL B 310 -12.73 6.06 35.46
C VAL B 310 -12.35 7.53 35.37
N PRO B 311 -12.96 8.37 36.20
CA PRO B 311 -12.63 9.80 36.17
C PRO B 311 -11.11 9.99 36.24
N PRO B 312 -10.50 10.61 35.23
CA PRO B 312 -9.05 10.67 35.15
C PRO B 312 -8.39 11.58 36.16
N LYS B 313 -7.17 11.24 36.56
CA LYS B 313 -6.35 12.11 37.39
C LYS B 313 -5.85 13.27 36.54
N ASP B 314 -5.60 14.42 37.17
CA ASP B 314 -5.07 15.58 36.46
C ASP B 314 -3.78 15.28 35.69
N SER B 315 -2.96 14.38 36.22
CA SER B 315 -1.66 14.08 35.67
C SER B 315 -1.72 13.55 34.23
N TYR B 316 -2.77 12.80 33.90
CA TYR B 316 -2.88 12.23 32.56
C TYR B 316 -4.15 12.60 31.82
N LYS B 317 -5.02 13.44 32.41
CA LYS B 317 -6.30 13.77 31.78
C LYS B 317 -6.13 14.33 30.36
N ASP B 318 -5.06 15.10 30.15
CA ASP B 318 -4.82 15.75 28.86
C ASP B 318 -4.41 14.78 27.76
N ARG B 319 -4.07 13.54 28.13
CA ARG B 319 -3.77 12.54 27.11
C ARG B 319 -4.76 11.37 27.08
N VAL B 320 -5.94 11.58 27.67
CA VAL B 320 -7.06 10.68 27.51
C VAL B 320 -7.91 11.13 26.33
N TYR B 321 -8.14 10.21 25.40
CA TYR B 321 -9.00 10.43 24.25
C TYR B 321 -10.15 9.45 24.36
N THR B 322 -11.37 9.94 24.21
CA THR B 322 -12.53 9.08 24.17
C THR B 322 -13.02 8.99 22.74
N THR B 323 -13.80 7.96 22.45
CA THR B 323 -14.42 7.84 21.15
C THR B 323 -15.71 7.04 21.31
N GLY B 324 -16.49 6.90 20.27
CA GLY B 324 -17.77 6.22 20.36
C GLY B 324 -18.70 6.95 21.28
N ILE B 325 -19.31 6.21 22.20
CA ILE B 325 -20.21 6.82 23.18
C ILE B 325 -19.52 7.09 24.52
N VAL B 326 -18.20 6.97 24.56
CA VAL B 326 -17.45 7.26 25.79
C VAL B 326 -17.30 8.76 25.92
N GLY B 327 -17.34 9.27 27.14
CA GLY B 327 -17.16 10.69 27.34
C GLY B 327 -16.79 11.06 28.76
N PHE B 328 -15.97 12.10 28.86
CA PHE B 328 -15.67 12.72 30.14
C PHE B 328 -15.40 14.19 29.87
N THR B 329 -16.02 15.07 30.63
CA THR B 329 -15.90 16.50 30.39
C THR B 329 -14.45 16.93 30.50
N GLY B 330 -13.95 17.57 29.45
CA GLY B 330 -12.59 18.05 29.41
C GLY B 330 -11.61 17.05 28.81
N CYS B 331 -12.10 15.88 28.37
CA CYS B 331 -11.28 14.91 27.66
C CYS B 331 -11.64 14.96 26.21
N LYS B 332 -10.60 15.05 25.38
CA LYS B 332 -10.77 15.10 23.94
C LYS B 332 -11.52 13.88 23.45
N HIS B 333 -12.38 14.08 22.46
CA HIS B 333 -13.22 13.05 21.90
C HIS B 333 -13.01 12.95 20.40
N ILE B 334 -12.85 11.73 19.90
CA ILE B 334 -12.68 11.45 18.48
C ILE B 334 -14.03 10.97 17.96
N PRO B 335 -14.71 11.77 17.13
CA PRO B 335 -16.12 11.49 16.77
C PRO B 335 -16.42 10.19 15.98
N GLY B 336 -17.52 9.47 16.28
CA GLY B 336 -17.96 8.29 15.53
C GLY B 336 -18.36 7.05 16.34
N GLU B 337 -19.58 6.54 16.16
CA GLU B 337 -20.07 5.37 16.89
C GLU B 337 -20.60 4.25 15.98
N ILE B 338 -20.31 4.33 14.68
CA ILE B 338 -20.80 3.34 13.72
C ILE B 338 -19.73 2.71 12.83
N GLY B 339 -18.45 2.90 13.18
CA GLY B 339 -17.36 2.22 12.50
C GLY B 339 -16.84 2.87 11.23
N GLU B 340 -17.37 4.03 10.88
CA GLU B 340 -16.89 4.77 9.72
C GLU B 340 -15.50 5.33 10.00
N HIS B 341 -14.86 5.89 8.97
CA HIS B 341 -13.50 6.39 9.14
C HIS B 341 -13.37 7.33 10.33
N LYS B 342 -12.42 7.03 11.20
CA LYS B 342 -12.03 7.93 12.27
C LYS B 342 -10.64 8.42 12.00
N ASP B 343 -10.43 9.71 12.23
CA ASP B 343 -9.15 10.35 12.05
C ASP B 343 -8.37 10.37 13.37
N PHE B 344 -7.34 9.53 13.46
CA PHE B 344 -6.49 9.45 14.64
C PHE B 344 -5.22 10.30 14.52
N SER B 345 -5.19 11.20 13.56
CA SER B 345 -3.99 12.00 13.32
C SER B 345 -3.55 12.79 14.57
N ALA B 346 -4.51 13.36 15.29
CA ALA B 346 -4.17 14.20 16.46
C ALA B 346 -3.59 13.37 17.60
N ILE B 347 -4.17 12.21 17.87
CA ILE B 347 -3.64 11.37 18.95
C ILE B 347 -2.25 10.83 18.59
N ILE B 348 -2.03 10.51 17.31
CA ILE B 348 -0.72 10.07 16.84
C ILE B 348 0.34 11.17 16.99
N ALA B 349 -0.01 12.39 16.60
CA ALA B 349 0.92 13.51 16.76
C ALA B 349 1.27 13.72 18.23
N HIS B 350 0.26 13.62 19.10
CA HIS B 350 0.47 13.73 20.53
C HIS B 350 1.42 12.61 21.02
N ALA B 351 1.20 11.40 20.56
CA ALA B 351 2.01 10.26 21.01
C ALA B 351 3.49 10.47 20.70
N LYS B 352 3.78 11.07 19.55
CA LYS B 352 5.17 11.28 19.15
C LYS B 352 5.92 12.17 20.14
N THR B 353 5.21 13.00 20.89
CA THR B 353 5.83 13.91 21.86
C THR B 353 5.97 13.30 23.26
N CYS B 354 5.48 12.08 23.46
CA CYS B 354 5.48 11.46 24.78
C CYS B 354 6.63 10.48 24.95
N PRO B 355 7.01 10.21 26.20
CA PRO B 355 7.99 9.16 26.47
C PRO B 355 7.42 7.78 26.16
N ALA B 356 8.31 6.81 25.95
CA ALA B 356 7.94 5.41 25.89
C ALA B 356 7.31 4.97 27.21
N PRO B 357 6.54 3.89 27.20
CA PRO B 357 5.91 3.43 28.44
C PRO B 357 6.92 3.01 29.52
N THR B 358 6.55 3.26 30.77
CA THR B 358 7.29 2.76 31.90
C THR B 358 6.94 1.28 32.08
N GLU B 359 7.93 0.40 32.08
CA GLU B 359 7.65 -1.01 32.26
C GLU B 359 7.20 -1.24 33.70
N ILE B 360 6.07 -1.92 33.85
CA ILE B 360 5.56 -2.26 35.17
C ILE B 360 5.53 -3.75 35.42
N GLU B 361 5.62 -4.54 34.35
CA GLU B 361 5.79 -5.98 34.46
C GLU B 361 6.48 -6.50 33.21
N SER B 362 6.91 -7.76 33.26
CA SER B 362 7.45 -8.40 32.08
C SER B 362 7.01 -9.85 32.04
N GLY B 363 7.16 -10.45 30.88
CA GLY B 363 6.74 -11.82 30.65
C GLY B 363 5.64 -11.86 29.60
N GLU B 364 4.76 -12.84 29.72
CA GLU B 364 3.71 -13.04 28.75
C GLU B 364 2.38 -13.55 29.34
N ILE B 365 1.32 -13.33 28.57
CA ILE B 365 -0.02 -13.90 28.81
C ILE B 365 -0.29 -14.78 27.60
N ILE B 366 -0.76 -16.01 27.80
CA ILE B 366 -1.23 -16.82 26.70
C ILE B 366 -2.76 -16.79 26.64
N GLY B 367 -3.29 -16.73 25.43
CA GLY B 367 -4.72 -16.77 25.23
C GLY B 367 -5.08 -17.05 23.79
N GLY B 368 -6.36 -16.87 23.48
CA GLY B 368 -6.86 -17.11 22.14
C GLY B 368 -7.65 -18.39 21.99
N PHE B 369 -8.17 -18.91 23.09
CA PHE B 369 -8.94 -20.13 23.10
C PHE B 369 -10.44 -19.84 22.94
N ALA B 370 -10.79 -19.18 21.83
CA ALA B 370 -12.19 -18.98 21.47
C ALA B 370 -12.71 -20.25 20.78
N HIS B 371 -13.95 -20.22 20.28
CA HIS B 371 -14.58 -21.50 19.94
C HIS B 371 -13.91 -22.24 18.81
N ASN B 372 -13.49 -21.54 17.76
CA ASN B 372 -12.84 -22.22 16.65
C ASN B 372 -11.54 -22.88 17.10
N GLN B 373 -10.76 -22.19 17.90
CA GLN B 373 -9.47 -22.70 18.32
C GLN B 373 -9.63 -23.89 19.25
N VAL B 374 -10.61 -23.84 20.15
CA VAL B 374 -10.81 -24.94 21.08
C VAL B 374 -11.35 -26.14 20.33
N LEU B 375 -12.23 -25.92 19.36
CA LEU B 375 -12.74 -27.03 18.57
C LEU B 375 -11.63 -27.66 17.71
N ALA B 376 -10.66 -26.85 17.29
CA ALA B 376 -9.50 -27.35 16.53
C ALA B 376 -8.59 -28.21 17.41
N LEU B 377 -8.67 -28.03 18.74
CA LEU B 377 -7.92 -28.81 19.72
C LEU B 377 -8.80 -29.86 20.36
N ALA B 378 -9.95 -30.16 19.77
CA ALA B 378 -10.94 -31.01 20.43
C ALA B 378 -10.38 -32.39 20.79
N ASP B 379 -9.54 -32.96 19.94
CA ASP B 379 -8.98 -34.28 20.23
C ASP B 379 -8.15 -34.25 21.51
N LYS B 380 -7.37 -33.20 21.71
CA LYS B 380 -6.56 -33.05 22.92
C LYS B 380 -7.43 -32.82 24.16
N VAL B 381 -8.44 -31.96 24.02
CA VAL B 381 -9.32 -31.65 25.14
C VAL B 381 -10.16 -32.86 25.53
N ILE B 382 -10.76 -33.51 24.55
CA ILE B 382 -11.60 -34.67 24.80
C ILE B 382 -10.78 -35.81 25.41
N ASP B 383 -9.59 -36.05 24.86
CA ASP B 383 -8.68 -37.05 25.41
C ASP B 383 -8.38 -36.79 26.89
N ALA B 384 -8.16 -35.52 27.24
CA ALA B 384 -7.81 -35.16 28.60
C ALA B 384 -9.00 -35.38 29.54
N VAL B 385 -10.21 -35.11 29.06
CA VAL B 385 -11.40 -35.34 29.87
C VAL B 385 -11.63 -36.83 30.05
N LYS B 386 -11.46 -37.60 28.98
CA LYS B 386 -11.71 -39.04 29.01
C LYS B 386 -10.71 -39.78 29.90
N SER B 387 -9.47 -39.30 29.93
CA SER B 387 -8.40 -39.93 30.71
C SER B 387 -8.43 -39.51 32.18
N GLY B 388 -9.15 -38.43 32.48
CA GLY B 388 -9.20 -37.88 33.81
C GLY B 388 -8.15 -36.83 34.08
N ALA B 389 -7.30 -36.54 33.10
CA ALA B 389 -6.31 -35.47 33.21
C ALA B 389 -6.97 -34.13 33.51
N ILE B 390 -8.14 -33.89 32.92
CA ILE B 390 -9.00 -32.77 33.30
C ILE B 390 -10.25 -33.34 33.91
N LYS B 391 -10.46 -33.07 35.20
CA LYS B 391 -11.65 -33.54 35.89
C LYS B 391 -12.78 -32.51 35.89
N LYS B 392 -12.42 -31.23 35.83
CA LYS B 392 -13.44 -30.18 35.81
C LYS B 392 -12.94 -28.97 35.06
N PHE B 393 -13.87 -28.29 34.41
CA PHE B 393 -13.65 -26.94 33.90
C PHE B 393 -14.35 -25.98 34.84
N VAL B 394 -13.73 -24.83 35.06
CA VAL B 394 -14.32 -23.80 35.92
C VAL B 394 -14.39 -22.54 35.11
N VAL B 395 -15.61 -22.14 34.76
CA VAL B 395 -15.82 -20.87 34.08
C VAL B 395 -15.71 -19.75 35.11
N MET B 396 -14.68 -18.93 34.98
CA MET B 396 -14.45 -17.80 35.88
C MET B 396 -14.48 -16.48 35.13
N ALA B 397 -15.23 -16.50 34.03
CA ALA B 397 -15.44 -15.34 33.16
C ALA B 397 -16.23 -14.24 33.85
N GLY B 398 -16.00 -13.05 33.33
N GLY B 398 -16.56 -13.15 33.11
CA GLY B 398 -16.80 -11.91 33.68
CA GLY B 398 -17.21 -11.96 33.69
C GLY B 398 -15.97 -10.67 33.88
C GLY B 398 -16.31 -10.73 33.79
N CYS B 399 -16.33 -9.86 34.90
N CYS B 399 -16.63 -9.84 34.72
CA CYS B 399 -15.70 -8.58 35.16
CA CYS B 399 -15.93 -8.57 34.81
C CYS B 399 -14.89 -8.59 36.43
C CYS B 399 -15.37 -8.32 36.21
N ASP B 400 -13.76 -7.92 36.36
N ASP B 400 -14.17 -7.76 36.23
CA ASP B 400 -13.02 -7.54 37.55
CA ASP B 400 -13.44 -7.45 37.46
C ASP B 400 -13.55 -6.20 38.08
C ASP B 400 -13.89 -6.12 38.06
N GLY B 401 -13.13 -5.84 39.28
N GLY B 401 -13.33 -5.81 39.22
CA GLY B 401 -13.49 -4.59 39.89
CA GLY B 401 -13.64 -4.57 39.91
C GLY B 401 -12.60 -4.30 41.07
C GLY B 401 -12.68 -4.25 41.05
N ARG B 402 -12.91 -3.22 41.76
N ARG B 402 -12.96 -3.15 41.74
CA ARG B 402 -12.07 -2.69 42.83
CA ARG B 402 -12.13 -2.63 42.82
C ARG B 402 -12.13 -3.44 44.14
C ARG B 402 -12.14 -3.44 44.10
N ALA B 403 -13.27 -4.07 44.41
CA ALA B 403 -13.50 -4.62 45.74
C ALA B 403 -12.39 -5.54 46.18
N LYS B 404 -11.85 -5.31 47.37
CA LYS B 404 -10.76 -6.11 47.87
C LYS B 404 -11.21 -7.55 48.10
N SER B 405 -12.51 -7.76 48.28
CA SER B 405 -13.07 -9.10 48.36
C SER B 405 -12.78 -9.97 47.13
N ARG B 406 -12.46 -9.34 46.01
CA ARG B 406 -12.18 -10.09 44.77
C ARG B 406 -10.85 -10.83 44.82
N SER B 407 -10.05 -10.63 45.86
CA SER B 407 -8.93 -11.53 46.12
C SER B 407 -9.42 -12.99 46.16
N TYR B 408 -10.69 -13.17 46.50
CA TYR B 408 -11.33 -14.47 46.41
C TYR B 408 -11.03 -15.21 45.12
N TYR B 409 -11.10 -14.51 43.98
CA TYR B 409 -10.95 -15.17 42.69
C TYR B 409 -9.53 -15.65 42.48
N THR B 410 -8.57 -14.87 42.93
CA THR B 410 -7.16 -15.29 42.88
C THR B 410 -6.94 -16.51 43.77
N ASP B 411 -7.44 -16.46 44.99
CA ASP B 411 -7.24 -17.54 45.94
C ASP B 411 -7.99 -18.80 45.51
N PHE B 412 -9.18 -18.63 44.95
CA PHE B 412 -9.94 -19.74 44.41
C PHE B 412 -9.15 -20.41 43.29
N ALA B 413 -8.63 -19.61 42.35
CA ALA B 413 -7.84 -20.15 41.24
C ALA B 413 -6.62 -20.93 41.74
N GLU B 414 -5.92 -20.37 42.72
CA GLU B 414 -4.70 -20.98 43.25
C GLU B 414 -5.00 -22.23 44.07
N GLY B 415 -6.20 -22.31 44.62
CA GLY B 415 -6.62 -23.45 45.42
C GLY B 415 -7.27 -24.57 44.63
N LEU B 416 -7.55 -24.36 43.34
CA LEU B 416 -8.17 -25.40 42.54
C LEU B 416 -7.25 -26.61 42.43
N PRO B 417 -7.83 -27.81 42.38
CA PRO B 417 -7.03 -29.00 42.13
C PRO B 417 -6.25 -28.90 40.82
N LYS B 418 -5.11 -29.56 40.76
CA LYS B 418 -4.22 -29.49 39.60
C LYS B 418 -4.83 -30.07 38.32
N ASP B 419 -5.88 -30.87 38.45
CA ASP B 419 -6.54 -31.46 37.29
C ASP B 419 -7.81 -30.71 36.87
N THR B 420 -7.82 -29.40 37.11
CA THR B 420 -8.92 -28.56 36.65
C THR B 420 -8.39 -27.47 35.75
N VAL B 421 -9.24 -27.00 34.87
CA VAL B 421 -8.90 -25.95 33.92
C VAL B 421 -9.87 -24.80 34.07
N ILE B 422 -9.35 -23.59 34.14
CA ILE B 422 -10.18 -22.39 34.17
C ILE B 422 -10.46 -21.92 32.75
N LEU B 423 -11.74 -21.67 32.45
CA LEU B 423 -12.17 -21.03 31.21
C LEU B 423 -12.55 -19.60 31.53
N THR B 424 -11.99 -18.66 30.81
CA THR B 424 -12.27 -17.26 31.12
C THR B 424 -12.49 -16.43 29.87
N ALA B 425 -13.03 -15.24 30.13
CA ALA B 425 -13.37 -14.22 29.14
C ALA B 425 -13.77 -13.00 29.95
N GLY B 426 -13.45 -11.81 29.45
CA GLY B 426 -13.74 -10.58 30.18
C GLY B 426 -12.65 -10.29 31.19
N CYS B 427 -12.69 -9.09 31.74
CA CYS B 427 -11.55 -8.63 32.53
C CYS B 427 -11.44 -9.29 33.91
N ALA B 428 -12.43 -10.08 34.29
CA ALA B 428 -12.27 -10.95 35.46
C ALA B 428 -10.99 -11.75 35.40
N LYS B 429 -10.54 -12.07 34.19
CA LYS B 429 -9.31 -12.84 33.95
C LYS B 429 -8.09 -12.30 34.70
N TYR B 430 -8.04 -11.01 34.96
CA TYR B 430 -6.82 -10.43 35.49
C TYR B 430 -6.57 -10.82 36.95
N ARG B 431 -7.56 -11.40 37.61
CA ARG B 431 -7.34 -11.93 38.96
C ARG B 431 -6.53 -13.22 38.96
N TYR B 432 -6.36 -13.88 37.81
CA TYR B 432 -5.63 -15.15 37.80
C TYR B 432 -4.88 -15.46 36.49
N ASN B 433 -4.72 -14.49 35.58
CA ASN B 433 -4.01 -14.76 34.32
C ASN B 433 -2.52 -14.46 34.35
N LYS B 434 -2.00 -14.09 35.52
CA LYS B 434 -0.56 -13.87 35.69
C LYS B 434 -0.03 -14.67 36.85
N LEU B 435 -0.63 -15.84 37.06
CA LEU B 435 -0.20 -16.78 38.08
C LEU B 435 0.65 -17.87 37.43
N ASN B 436 1.05 -18.87 38.21
CA ASN B 436 1.88 -19.96 37.68
C ASN B 436 1.15 -21.28 37.91
N LEU B 437 0.06 -21.47 37.17
CA LEU B 437 -0.81 -22.62 37.31
C LEU B 437 -0.41 -23.76 36.37
N GLY B 438 0.39 -23.43 35.36
CA GLY B 438 0.94 -24.43 34.46
C GLY B 438 -0.03 -24.93 33.42
N ASP B 439 0.18 -26.17 33.01
CA ASP B 439 -0.60 -26.80 31.95
C ASP B 439 -0.84 -28.27 32.26
N ILE B 440 -1.80 -28.85 31.55
CA ILE B 440 -2.10 -30.28 31.64
C ILE B 440 -1.87 -30.87 30.26
N GLY B 441 -0.75 -31.58 30.10
CA GLY B 441 -0.38 -32.15 28.82
C GLY B 441 -0.35 -31.13 27.69
N GLY B 442 0.10 -29.91 27.98
CA GLY B 442 0.18 -28.86 26.98
C GLY B 442 -1.03 -27.93 26.94
N ILE B 443 -2.14 -28.33 27.54
CA ILE B 443 -3.33 -27.47 27.63
C ILE B 443 -3.16 -26.55 28.82
N PRO B 444 -3.06 -25.24 28.61
CA PRO B 444 -2.91 -24.33 29.74
C PRO B 444 -4.08 -24.44 30.73
N ARG B 445 -3.78 -24.24 32.01
CA ARG B 445 -4.80 -24.35 33.04
C ARG B 445 -5.67 -23.09 33.14
N VAL B 446 -5.31 -22.04 32.42
CA VAL B 446 -6.21 -20.92 32.18
C VAL B 446 -6.36 -20.75 30.66
N LEU B 447 -7.58 -20.89 30.17
CA LEU B 447 -7.90 -20.76 28.75
C LEU B 447 -8.73 -19.50 28.56
N ASP B 448 -8.11 -18.48 27.99
CA ASP B 448 -8.74 -17.18 27.78
C ASP B 448 -9.36 -17.13 26.39
N ALA B 449 -10.68 -17.13 26.35
CA ALA B 449 -11.45 -17.06 25.12
C ALA B 449 -11.58 -15.65 24.58
N GLY B 450 -11.33 -14.64 25.40
CA GLY B 450 -11.32 -13.27 24.91
C GLY B 450 -12.03 -12.26 25.80
N GLN B 451 -12.84 -11.42 25.16
CA GLN B 451 -13.54 -10.34 25.84
C GLN B 451 -14.75 -10.92 26.55
N CYS B 452 -15.44 -10.12 27.35
CA CYS B 452 -16.64 -10.61 28.01
C CYS B 452 -17.64 -11.18 27.00
N ASN B 453 -17.73 -10.56 25.83
CA ASN B 453 -18.61 -11.07 24.77
C ASN B 453 -18.21 -12.47 24.33
N ASP B 454 -16.94 -12.82 24.49
CA ASP B 454 -16.47 -14.16 24.14
C ASP B 454 -16.86 -15.21 25.18
N SER B 455 -17.61 -14.82 26.20
CA SER B 455 -18.41 -15.77 26.97
C SER B 455 -19.24 -16.63 26.01
N TYR B 456 -19.61 -16.05 24.86
CA TYR B 456 -20.28 -16.78 23.80
C TYR B 456 -19.49 -18.04 23.40
N SER B 457 -18.20 -17.88 23.17
CA SER B 457 -17.34 -19.05 22.88
C SER B 457 -17.40 -20.09 23.97
N LEU B 458 -17.45 -19.66 25.22
CA LEU B 458 -17.49 -20.60 26.34
C LEU B 458 -18.79 -21.39 26.29
N ALA B 459 -19.90 -20.73 25.97
CA ALA B 459 -21.18 -21.41 25.78
C ALA B 459 -21.14 -22.37 24.60
N VAL B 460 -20.55 -21.96 23.50
CA VAL B 460 -20.42 -22.80 22.31
C VAL B 460 -19.60 -24.04 22.63
N ILE B 461 -18.51 -23.86 23.37
CA ILE B 461 -17.65 -24.96 23.77
C ILE B 461 -18.43 -25.93 24.68
N ALA B 462 -19.16 -25.40 25.66
CA ALA B 462 -19.96 -26.24 26.55
C ALA B 462 -21.01 -27.02 25.76
N LEU B 463 -21.69 -26.37 24.83
CA LEU B 463 -22.72 -27.03 24.04
C LEU B 463 -22.10 -28.08 23.11
N LYS B 464 -20.89 -27.83 22.65
CA LYS B 464 -20.17 -28.80 21.83
C LYS B 464 -19.78 -30.02 22.67
N LEU B 465 -19.30 -29.78 23.89
CA LEU B 465 -18.92 -30.88 24.78
C LEU B 465 -20.16 -31.70 25.14
N LYS B 466 -21.31 -31.04 25.32
CA LYS B 466 -22.58 -31.74 25.57
C LYS B 466 -22.85 -32.75 24.45
N GLU B 467 -22.65 -32.32 23.21
CA GLU B 467 -22.85 -33.15 22.03
C GLU B 467 -21.83 -34.29 21.97
N VAL B 468 -20.56 -33.96 22.20
CA VAL B 468 -19.47 -34.94 22.14
C VAL B 468 -19.71 -36.09 23.11
N PHE B 469 -20.15 -35.75 24.32
CA PHE B 469 -20.35 -36.75 25.37
C PHE B 469 -21.76 -37.33 25.40
N GLY B 470 -22.59 -36.90 24.45
CA GLY B 470 -23.91 -37.47 24.26
C GLY B 470 -24.83 -37.24 25.45
N LEU B 471 -24.76 -36.05 26.03
CA LEU B 471 -25.54 -35.70 27.20
C LEU B 471 -26.81 -34.99 26.79
N GLU B 472 -27.86 -35.15 27.58
CA GLU B 472 -29.16 -34.53 27.30
C GLU B 472 -29.31 -33.14 27.91
N ASP B 473 -28.42 -32.81 28.84
CA ASP B 473 -28.47 -31.56 29.59
C ASP B 473 -27.06 -31.00 29.68
N VAL B 474 -26.87 -29.74 29.31
CA VAL B 474 -25.55 -29.10 29.40
C VAL B 474 -25.01 -29.10 30.84
N ASN B 475 -25.90 -29.09 31.81
CA ASN B 475 -25.54 -29.11 33.22
C ASN B 475 -24.92 -30.42 33.69
N ASP B 476 -25.03 -31.47 32.88
CA ASP B 476 -24.42 -32.76 33.20
C ASP B 476 -22.93 -32.81 32.89
N LEU B 477 -22.41 -31.78 32.23
CA LEU B 477 -20.97 -31.67 32.02
C LEU B 477 -20.22 -31.32 33.30
N PRO B 478 -18.94 -31.69 33.37
CA PRO B 478 -18.11 -31.36 34.53
C PRO B 478 -17.60 -29.93 34.45
N ILE B 479 -18.54 -29.00 34.58
CA ILE B 479 -18.26 -27.56 34.54
C ILE B 479 -18.91 -26.90 35.73
N VAL B 480 -18.15 -26.01 36.38
CA VAL B 480 -18.64 -25.20 37.47
C VAL B 480 -18.55 -23.78 36.98
N TYR B 481 -19.53 -22.96 37.34
CA TYR B 481 -19.60 -21.57 36.91
C TYR B 481 -19.42 -20.69 38.12
N ASN B 482 -18.29 -20.00 38.20
CA ASN B 482 -17.96 -19.11 39.30
C ASN B 482 -17.59 -17.77 38.70
N ILE B 483 -18.63 -17.03 38.33
CA ILE B 483 -18.51 -15.85 37.48
C ILE B 483 -18.53 -14.57 38.31
N ALA B 484 -17.67 -13.65 37.94
CA ALA B 484 -17.58 -12.36 38.59
C ALA B 484 -18.30 -11.34 37.71
N TRP B 485 -19.00 -10.38 38.31
CA TRP B 485 -19.68 -9.37 37.52
C TRP B 485 -19.35 -7.99 38.05
N TYR B 486 -19.52 -7.01 37.19
CA TYR B 486 -19.39 -5.61 37.57
C TYR B 486 -20.46 -4.77 36.93
N GLU B 487 -20.50 -4.78 35.60
N GLU B 487 -20.56 -4.75 35.61
CA GLU B 487 -21.38 -3.88 34.84
CA GLU B 487 -21.59 -3.89 35.02
C GLU B 487 -22.39 -4.67 34.00
C GLU B 487 -22.59 -4.64 34.14
N GLN B 488 -23.12 -3.97 33.13
CA GLN B 488 -24.34 -4.46 32.52
C GLN B 488 -24.12 -5.45 31.38
N LYS B 489 -22.94 -5.45 30.76
CA LYS B 489 -22.58 -6.54 29.86
C LYS B 489 -22.53 -7.85 30.62
N ALA B 490 -22.04 -7.84 31.85
CA ALA B 490 -22.06 -9.08 32.65
C ALA B 490 -23.49 -9.51 32.93
N VAL B 491 -24.39 -8.55 33.10
CA VAL B 491 -25.80 -8.89 33.31
C VAL B 491 -26.38 -9.62 32.09
N ILE B 492 -26.13 -9.14 30.87
CA ILE B 492 -26.66 -9.85 29.72
C ILE B 492 -26.00 -11.22 29.55
N VAL B 493 -24.73 -11.36 29.89
CA VAL B 493 -24.07 -12.65 29.81
C VAL B 493 -24.77 -13.61 30.78
N LEU B 494 -25.07 -13.15 31.98
CA LEU B 494 -25.76 -13.97 32.96
C LEU B 494 -27.13 -14.40 32.43
N LEU B 495 -27.91 -13.44 31.93
CA LEU B 495 -29.24 -13.76 31.42
C LEU B 495 -29.15 -14.72 30.23
N ALA B 496 -28.14 -14.53 29.39
CA ALA B 496 -27.91 -15.43 28.27
C ALA B 496 -27.67 -16.86 28.76
N LEU B 497 -26.80 -17.02 29.75
CA LEU B 497 -26.54 -18.33 30.30
C LEU B 497 -27.79 -18.95 30.92
N LEU B 498 -28.60 -18.14 31.60
CA LEU B 498 -29.84 -18.64 32.18
C LEU B 498 -30.82 -19.07 31.08
N SER B 499 -30.86 -18.33 29.98
CA SER B 499 -31.73 -18.67 28.86
C SER B 499 -31.29 -19.98 28.18
N LEU B 500 -29.99 -20.29 28.27
CA LEU B 500 -29.45 -21.53 27.71
C LEU B 500 -29.65 -22.71 28.68
N GLY B 501 -30.21 -22.45 29.85
CA GLY B 501 -30.53 -23.50 30.80
C GLY B 501 -29.44 -23.80 31.82
N VAL B 502 -28.43 -22.95 31.91
CA VAL B 502 -27.32 -23.19 32.84
C VAL B 502 -27.77 -22.94 34.29
N LYS B 503 -27.61 -23.96 35.12
CA LYS B 503 -28.03 -23.93 36.50
C LYS B 503 -26.81 -23.84 37.40
N ASN B 504 -27.06 -23.54 38.67
CA ASN B 504 -26.04 -23.55 39.72
C ASN B 504 -24.91 -22.55 39.53
N ILE B 505 -25.21 -21.46 38.83
CA ILE B 505 -24.23 -20.40 38.64
C ILE B 505 -23.94 -19.72 39.97
N HIS B 506 -22.67 -19.56 40.27
CA HIS B 506 -22.22 -18.83 41.44
C HIS B 506 -21.76 -17.48 40.92
N LEU B 507 -22.39 -16.43 41.46
CA LEU B 507 -22.21 -15.07 40.98
C LEU B 507 -21.65 -14.23 42.11
N GLY B 508 -20.61 -13.46 41.85
CA GLY B 508 -19.97 -12.68 42.89
C GLY B 508 -19.22 -11.48 42.34
N PRO B 509 -18.54 -10.74 43.20
CA PRO B 509 -18.36 -11.07 44.62
C PRO B 509 -19.56 -10.76 45.51
N THR B 510 -20.56 -10.07 44.98
CA THR B 510 -21.85 -9.89 45.64
C THR B 510 -22.93 -10.16 44.63
N LEU B 511 -24.17 -10.29 45.10
CA LEU B 511 -25.32 -10.41 44.20
C LEU B 511 -25.91 -9.03 43.94
N PRO B 512 -26.46 -8.81 42.75
CA PRO B 512 -26.97 -7.48 42.39
C PRO B 512 -27.97 -6.88 43.38
N ALA B 513 -27.81 -5.59 43.64
CA ALA B 513 -28.70 -4.85 44.52
C ALA B 513 -30.12 -4.77 43.95
N PHE B 514 -30.24 -4.89 42.63
CA PHE B 514 -31.51 -4.69 41.94
C PHE B 514 -32.42 -5.93 41.93
N LEU B 515 -32.02 -7.01 42.58
CA LEU B 515 -32.90 -8.17 42.76
C LEU B 515 -33.67 -7.99 44.06
N SER B 516 -34.99 -7.83 43.98
CA SER B 516 -35.82 -7.77 45.17
C SER B 516 -35.84 -9.14 45.83
N PRO B 517 -36.26 -9.22 47.09
CA PRO B 517 -36.36 -10.51 47.76
C PRO B 517 -37.15 -11.56 46.97
N ASN B 518 -38.31 -11.18 46.44
CA ASN B 518 -39.15 -12.12 45.71
C ASN B 518 -38.54 -12.50 44.36
N VAL B 519 -37.88 -11.56 43.71
CA VAL B 519 -37.27 -11.82 42.41
C VAL B 519 -36.04 -12.71 42.57
N ALA B 520 -35.21 -12.43 43.57
CA ALA B 520 -34.09 -13.29 43.89
C ALA B 520 -34.59 -14.69 44.18
N LYS B 521 -35.69 -14.80 44.90
CA LYS B 521 -36.27 -16.09 45.24
C LYS B 521 -36.65 -16.86 43.97
N VAL B 522 -37.27 -16.19 43.01
CA VAL B 522 -37.63 -16.81 41.74
C VAL B 522 -36.40 -17.33 41.02
N LEU B 523 -35.33 -16.54 40.97
CA LEU B 523 -34.12 -16.93 40.26
C LEU B 523 -33.44 -18.12 40.94
N VAL B 524 -33.51 -18.18 42.26
CA VAL B 524 -32.98 -19.33 42.99
C VAL B 524 -33.83 -20.58 42.70
N GLU B 525 -35.15 -20.44 42.74
CA GLU B 525 -36.06 -21.55 42.50
C GLU B 525 -35.90 -22.14 41.09
N GLN B 526 -35.75 -21.27 40.10
CA GLN B 526 -35.72 -21.70 38.70
C GLN B 526 -34.32 -22.08 38.22
N PHE B 527 -33.28 -21.45 38.79
CA PHE B 527 -31.92 -21.58 38.26
C PHE B 527 -30.85 -21.93 39.28
N ASN B 528 -31.22 -21.95 40.55
CA ASN B 528 -30.29 -22.16 41.66
C ASN B 528 -29.05 -21.29 41.58
N ILE B 529 -29.23 -20.03 41.21
CA ILE B 529 -28.13 -19.08 41.33
C ILE B 529 -27.80 -18.90 42.80
N GLY B 530 -26.53 -18.64 43.08
CA GLY B 530 -26.10 -18.37 44.44
C GLY B 530 -24.91 -17.44 44.42
N GLY B 531 -24.48 -17.02 45.59
CA GLY B 531 -23.33 -16.17 45.76
C GLY B 531 -22.10 -16.93 46.19
N ILE B 532 -21.05 -16.19 46.48
CA ILE B 532 -19.80 -16.76 46.96
C ILE B 532 -19.67 -16.59 48.46
N THR B 533 -18.78 -17.38 49.05
CA THR B 533 -18.40 -17.24 50.45
C THR B 533 -16.88 -17.09 50.51
N SER B 534 -16.18 -18.04 51.11
CA SER B 534 -14.72 -18.02 51.15
C SER B 534 -14.18 -18.95 50.07
N PRO B 535 -12.94 -18.73 49.63
CA PRO B 535 -12.34 -19.63 48.64
C PRO B 535 -12.32 -21.08 49.12
N GLN B 536 -11.97 -21.31 50.38
CA GLN B 536 -11.87 -22.68 50.87
C GLN B 536 -13.24 -23.35 50.92
N ASP B 537 -14.27 -22.63 51.39
CA ASP B 537 -15.59 -23.22 51.50
C ASP B 537 -16.20 -23.50 50.14
N ASP B 538 -15.98 -22.59 49.19
CA ASP B 538 -16.53 -22.77 47.86
C ASP B 538 -15.76 -23.81 47.06
N LEU B 539 -14.46 -23.94 47.29
CA LEU B 539 -13.69 -24.99 46.63
C LEU B 539 -14.22 -26.37 47.06
N LYS B 540 -14.78 -26.47 48.25
CA LYS B 540 -15.49 -27.68 48.67
C LYS B 540 -16.92 -27.75 48.14
N ALA B 541 -17.70 -26.69 48.37
CA ALA B 541 -19.14 -26.70 48.13
C ALA B 541 -19.54 -26.74 46.65
N PHE B 542 -18.80 -26.01 45.82
CA PHE B 542 -19.11 -25.89 44.40
C PHE B 542 -18.77 -27.17 43.63
N PHE B 543 -17.93 -28.01 44.25
CA PHE B 543 -17.47 -29.25 43.64
C PHE B 543 -18.11 -30.44 44.35
N GLY B 544 -19.24 -30.34 44.84
FE1 SF4 C . 5.59 8.65 -30.33
FE2 SF4 C . 7.11 8.23 -32.54
FE3 SF4 C . 5.47 6.30 -31.76
FE4 SF4 C . 4.43 8.61 -32.77
S1 SF4 C . 5.67 7.09 -33.94
S2 SF4 C . 3.70 7.45 -30.91
S3 SF4 C . 6.02 10.14 -32.02
S4 SF4 C . 7.27 7.10 -30.48
FE1 SF3 D . 18.96 2.82 -34.46
FE3 SF3 D . 16.57 2.06 -33.30
FE4 SF3 D . 18.68 5.24 -33.22
FE7 SF3 D . 21.48 3.14 -31.52
S1 SF3 D . 18.30 0.82 -33.49
S2 SF3 D . 20.60 4.02 -33.48
S3 SF3 D . 17.05 4.01 -34.38
FE5 FSO E . 19.06 2.56 -34.43
FE6 FSO E . 16.86 2.14 -32.89
FE7 FSO E . 21.50 3.13 -31.52
FE8 FSO E . 18.10 4.57 -31.75
S5 FSO E . 18.37 0.49 -33.94
S6 FSO E . 17.21 4.03 -33.91
S7 FSO E . 18.30 6.91 -32.26
O8 FSO E . 17.49 2.37 -31.12
O9 FSO E . 19.55 3.65 -30.51
O10 FSO E . 20.75 3.51 -33.69
FE1 SF4 F . -21.96 4.25 39.52
FE2 SF4 F . -24.59 3.41 39.42
FE3 SF4 F . -22.56 1.69 39.91
FE4 SF4 F . -23.30 3.51 41.77
S1 SF4 F . -24.56 1.71 40.97
S2 SF4 F . -21.16 2.93 41.27
S3 SF4 F . -23.75 5.33 40.41
S4 SF4 F . -22.95 2.87 37.92
FE1 SF3 G . -14.32 -5.21 32.08
FE3 SF3 G . -15.15 -2.69 32.46
FE4 SF3 G . -17.05 -5.95 32.52
FE7 SF3 G . -15.91 -6.41 28.83
S1 SF3 G . -13.65 -3.44 31.11
S2 SF3 G . -15.50 -6.93 31.08
S3 SF3 G . -15.79 -4.42 33.73
FE5 FSO H . -14.41 -5.41 32.29
FE6 FSO H . -15.37 -2.71 32.03
FE7 FSO H . -15.85 -6.64 28.87
FE8 FSO H . -17.61 -4.59 31.52
S5 FSO H . -13.15 -3.43 31.20
S6 FSO H . -16.13 -4.31 33.26
S7 FSO H . -19.10 -6.19 32.71
O8 FSO H . -16.55 -2.81 30.50
O9 FSO H . -17.39 -5.02 29.47
O10 FSO H . -14.96 -6.72 30.87
O1 MES I . -8.71 19.37 45.14
C2 MES I . -9.24 19.01 43.87
C3 MES I . -8.68 17.64 43.49
N4 MES I . -7.18 17.80 43.27
C5 MES I . -6.58 18.31 44.57
C6 MES I . -7.29 19.58 45.01
C7 MES I . -6.49 16.52 42.84
C8 MES I . -6.97 16.08 41.47
S MES I . -6.13 14.59 40.97
O1S MES I . -4.70 14.90 40.89
O2S MES I . -6.71 14.18 39.69
O3S MES I . -6.36 13.71 41.91
#